data_2IMA
#
_entry.id   2IMA
#
_cell.length_a   73.445
_cell.length_b   67.257
_cell.length_c   98.194
_cell.angle_alpha   90.00
_cell.angle_beta   106.53
_cell.angle_gamma   90.00
#
_symmetry.space_group_name_H-M   'P 1 21 1'
#
loop_
_entity.id
_entity.type
_entity.pdbx_description
1 polymer 'Botulinum neurotoxin A light-chain'
2 non-polymer 'ZINC ION'
3 non-polymer (2E)-3-(2,4-DICHLOROPHENYL)-N-HYDROXYACRYLAMIDE
4 water water
#
_entity_poly.entity_id   1
_entity_poly.type   'polypeptide(L)'
_entity_poly.pdbx_seq_one_letter_code
;MGSSHHHHHHSSGLVPRGSHMQFVNKQFNYKDPVNGVDIAYIKIPNVGQMQPVKAFKIHNKIWVIPERDTFTNPEEGDLN
PPPEAKQVPVSYYDSTYLSTDNEKDNYLKGVTKLFERIYSTDLGRMLLTSIVRGIPFWGGSTIDTELKVIDTNCINVIQP
DGSYRSEELNLVIIGPSADIIQFECKSFGHEVLNLTRNGYGSTQYIRFSPDFTFGFEESLEVDTNPLLGAGKFATDPAVT
LAHELIHAGHRLYGIAINPNRVFKVNTNAYYEMSGLEVSFEELRTFGGHDAKFIDSLQENEFRLYYYNKFKDIASTLNKA
KSIVGTTASLQYMKNVFKEKYLLSEDTSGKFSVDKLKFDKLYKMLTEIYTEDNFVKFFKVLNRKTYLNFDKAVFKINIVP
KVNYTIYDGFNLRNTNLAANFNGQNTEINNMNFTKLKNFTGLFE
;
_entity_poly.pdbx_strand_id   A,B
#
loop_
_chem_comp.id
_chem_comp.type
_chem_comp.name
_chem_comp.formula
GB4 non-polymer (2E)-3-(2,4-DICHLOROPHENYL)-N-HYDROXYACRYLAMIDE 'C9 H7 Cl2 N O2'
ZN non-polymer 'ZINC ION' 'Zn 2'
#
# COMPACT_ATOMS: atom_id res chain seq x y z
N SER A 11 17.43 -5.05 -14.90
CA SER A 11 18.49 -5.88 -14.27
C SER A 11 18.03 -6.58 -12.99
N SER A 12 17.43 -5.84 -12.06
CA SER A 12 16.92 -6.48 -10.83
C SER A 12 15.42 -6.80 -10.93
N GLY A 13 14.68 -5.99 -11.68
CA GLY A 13 13.29 -6.27 -12.01
C GLY A 13 12.29 -5.96 -10.91
N LEU A 14 12.62 -4.96 -10.08
CA LEU A 14 11.81 -4.58 -8.92
C LEU A 14 10.51 -3.89 -9.26
N VAL A 15 10.41 -3.30 -10.46
CA VAL A 15 9.18 -2.61 -10.86
C VAL A 15 8.69 -3.02 -12.28
N PRO A 16 8.10 -4.21 -12.39
CA PRO A 16 7.65 -4.72 -13.68
C PRO A 16 6.43 -3.95 -14.28
N ARG A 17 5.63 -3.33 -13.43
CA ARG A 17 4.47 -2.55 -13.86
C ARG A 17 4.43 -1.29 -13.06
N GLY A 18 4.25 -0.18 -13.75
CA GLY A 18 4.09 1.14 -13.12
C GLY A 18 5.45 1.78 -12.95
N SER A 19 5.51 2.84 -12.15
CA SER A 19 6.73 3.62 -11.94
C SER A 19 7.55 3.20 -10.73
N HIS A 20 6.84 2.77 -9.69
CA HIS A 20 7.42 2.54 -8.38
C HIS A 20 6.88 1.27 -7.73
N MET A 21 7.68 0.71 -6.83
CA MET A 21 7.29 -0.44 -6.05
C MET A 21 6.00 -0.03 -5.30
N GLN A 22 5.19 -0.93 -5.07
CA GLN A 22 3.86 -0.69 -4.50
C GLN A 22 3.82 -1.04 -3.01
N PHE A 23 4.70 -1.82 -2.42
CA PHE A 23 4.69 -2.09 -0.98
C PHE A 23 5.94 -1.48 -0.30
N VAL A 24 7.09 -1.83 -0.85
CA VAL A 24 8.35 -1.41 -0.30
C VAL A 24 8.56 0.06 -0.70
N ASN A 25 8.94 0.88 0.27
CA ASN A 25 8.87 2.32 0.06
C ASN A 25 10.04 2.93 -0.70
N LYS A 26 11.21 2.30 -0.69
CA LYS A 26 12.41 2.78 -1.38
C LYS A 26 13.21 1.63 -1.96
N GLN A 27 13.99 1.92 -3.00
CA GLN A 27 14.91 0.94 -3.56
C GLN A 27 16.22 1.17 -2.85
N PHE A 28 16.39 0.54 -1.69
CA PHE A 28 17.55 0.81 -0.87
C PHE A 28 18.80 0.14 -1.43
N ASN A 29 19.95 0.75 -1.17
CA ASN A 29 21.23 0.06 -1.27
C ASN A 29 21.76 -0.01 0.14
N TYR A 30 22.43 -1.10 0.50
CA TYR A 30 22.99 -1.24 1.83
C TYR A 30 23.90 -0.06 2.23
N LYS A 31 24.65 0.49 1.27
CA LYS A 31 25.58 1.60 1.55
C LYS A 31 24.91 2.99 1.70
N ASP A 32 23.63 3.11 1.40
CA ASP A 32 22.93 4.39 1.58
C ASP A 32 23.18 4.86 3.02
N PRO A 33 23.54 6.14 3.21
CA PRO A 33 23.78 6.61 4.57
C PRO A 33 22.55 6.56 5.47
N VAL A 34 22.80 6.31 6.76
CA VAL A 34 21.77 6.36 7.78
C VAL A 34 21.14 7.75 7.79
N ASN A 35 19.82 7.79 7.98
CA ASN A 35 19.07 9.04 8.04
C ASN A 35 18.15 9.18 9.24
N GLY A 36 17.98 8.13 10.02
CA GLY A 36 17.17 8.18 11.23
C GLY A 36 15.68 8.02 10.99
N VAL A 37 15.29 7.80 9.73
CA VAL A 37 13.88 7.76 9.29
C VAL A 37 13.59 6.39 8.71
N ASP A 38 14.21 6.09 7.58
CA ASP A 38 14.04 4.76 7.01
C ASP A 38 15.33 3.97 6.81
N ILE A 39 16.47 4.57 7.09
CA ILE A 39 17.77 3.87 7.25
C ILE A 39 18.37 4.33 8.58
N ALA A 40 18.63 3.40 9.48
CA ALA A 40 19.13 3.79 10.80
C ALA A 40 19.84 2.66 11.47
N TYR A 41 20.82 2.98 12.32
CA TYR A 41 21.33 1.99 13.24
C TYR A 41 20.24 1.82 14.29
N ILE A 42 19.93 0.58 14.64
CA ILE A 42 18.92 0.33 15.67
C ILE A 42 19.42 -0.64 16.75
N LYS A 43 18.79 -0.60 17.92
CA LYS A 43 19.03 -1.59 18.96
C LYS A 43 17.71 -2.27 19.30
N ILE A 44 17.75 -3.60 19.42
CA ILE A 44 16.57 -4.42 19.79
C ILE A 44 16.47 -4.44 21.30
N PRO A 45 15.25 -4.35 21.87
CA PRO A 45 15.04 -4.55 23.32
C PRO A 45 15.78 -5.73 23.92
N MET A 50 24.35 -5.54 22.89
CA MET A 50 24.19 -5.35 21.45
C MET A 50 24.83 -4.04 20.99
N GLN A 51 25.65 -4.10 19.93
CA GLN A 51 26.07 -2.89 19.22
C GLN A 51 25.01 -2.66 18.16
N PRO A 52 24.71 -1.40 17.83
CA PRO A 52 23.63 -1.14 16.86
C PRO A 52 23.84 -1.85 15.53
N VAL A 53 22.76 -2.13 14.82
CA VAL A 53 22.88 -2.79 13.56
C VAL A 53 22.13 -1.96 12.55
N LYS A 54 22.67 -1.85 11.34
CA LYS A 54 22.03 -1.04 10.31
C LYS A 54 20.77 -1.74 9.81
N ALA A 55 19.68 -0.97 9.75
CA ALA A 55 18.36 -1.48 9.41
C ALA A 55 17.62 -0.52 8.47
N PHE A 56 16.67 -1.08 7.73
CA PHE A 56 15.98 -0.41 6.65
C PHE A 56 14.49 -0.53 6.86
N LYS A 57 13.79 0.60 6.90
CA LYS A 57 12.35 0.56 7.10
C LYS A 57 11.69 0.37 5.74
N ILE A 58 11.24 -0.84 5.41
CA ILE A 58 10.67 -1.07 4.08
C ILE A 58 9.22 -0.63 3.94
N HIS A 59 8.51 -0.49 5.06
CA HIS A 59 7.09 -0.10 5.02
C HIS A 59 6.71 0.36 6.42
N ASN A 60 5.62 1.09 6.57
CA ASN A 60 5.12 1.39 7.93
C ASN A 60 5.17 0.07 8.73
N LYS A 61 5.77 0.09 9.94
CA LYS A 61 5.73 -1.01 10.91
C LYS A 61 6.61 -2.23 10.55
N ILE A 62 7.37 -2.14 9.46
CA ILE A 62 8.21 -3.24 8.99
C ILE A 62 9.66 -2.83 8.62
N TRP A 63 10.63 -3.44 9.32
CA TRP A 63 12.03 -3.17 9.13
C TRP A 63 12.76 -4.44 8.70
N VAL A 64 13.86 -4.25 7.98
CA VAL A 64 14.71 -5.34 7.58
C VAL A 64 16.11 -5.12 8.18
N ILE A 65 16.63 -6.13 8.86
CA ILE A 65 18.01 -6.11 9.39
C ILE A 65 18.79 -7.20 8.64
N PRO A 66 19.61 -6.80 7.65
CA PRO A 66 20.39 -7.77 6.90
C PRO A 66 21.60 -8.30 7.66
N GLU A 67 21.36 -8.92 8.82
CA GLU A 67 22.43 -9.46 9.66
C GLU A 67 22.03 -10.83 10.13
N ARG A 68 23.02 -11.64 10.46
CA ARG A 68 22.73 -12.92 11.09
C ARG A 68 22.16 -12.60 12.47
N ASP A 69 21.14 -13.36 12.88
CA ASP A 69 20.47 -13.10 14.14
C ASP A 69 21.21 -13.73 15.32
N THR A 70 22.13 -12.95 15.87
CA THR A 70 22.87 -13.30 17.09
C THR A 70 22.34 -12.49 18.26
N PHE A 71 21.15 -11.93 18.09
CA PHE A 71 20.61 -10.90 18.95
C PHE A 71 19.41 -11.35 19.75
N THR A 72 18.46 -12.02 19.11
CA THR A 72 17.16 -12.23 19.72
C THR A 72 17.11 -13.31 20.79
N ASN A 73 17.94 -14.34 20.68
CA ASN A 73 18.00 -15.43 21.69
C ASN A 73 19.39 -15.43 22.28
N PRO A 74 19.49 -15.25 23.62
CA PRO A 74 20.80 -15.11 24.28
C PRO A 74 21.72 -16.32 24.13
N GLU A 75 21.13 -17.52 24.13
CA GLU A 75 21.91 -18.77 23.98
C GLU A 75 22.57 -18.86 22.61
N GLU A 76 21.85 -18.38 21.59
CA GLU A 76 22.28 -18.45 20.19
C GLU A 76 23.03 -17.17 19.79
N GLY A 77 24.20 -16.98 20.38
CA GLY A 77 25.05 -15.81 20.09
C GLY A 77 26.15 -16.02 19.07
N ASP A 78 26.40 -17.28 18.68
CA ASP A 78 27.44 -17.60 17.68
C ASP A 78 26.86 -18.38 16.50
N LEU A 79 27.66 -18.53 15.45
CA LEU A 79 27.16 -19.06 14.17
C LEU A 79 27.86 -20.36 13.75
N ASN A 80 28.49 -21.02 14.73
CA ASN A 80 29.14 -22.29 14.49
C ASN A 80 28.16 -23.43 14.76
N PRO A 81 28.38 -24.58 14.09
CA PRO A 81 27.64 -25.78 14.48
C PRO A 81 28.09 -26.30 15.85
N PRO A 82 27.16 -26.89 16.62
CA PRO A 82 27.48 -27.52 17.92
C PRO A 82 28.42 -28.73 17.84
N VAL A 88 17.57 -32.97 13.76
CA VAL A 88 16.59 -32.65 12.71
C VAL A 88 17.06 -33.10 11.30
N PRO A 89 16.14 -33.11 10.32
CA PRO A 89 16.44 -33.73 9.03
C PRO A 89 17.53 -33.03 8.22
N VAL A 90 17.39 -31.71 8.08
CA VAL A 90 18.27 -30.93 7.22
C VAL A 90 18.67 -29.68 7.99
N SER A 91 19.96 -29.41 7.98
CA SER A 91 20.51 -28.20 8.58
C SER A 91 21.71 -27.81 7.75
N TYR A 92 22.07 -26.55 7.82
CA TYR A 92 23.21 -26.06 7.07
C TYR A 92 23.85 -24.88 7.76
N TYR A 93 25.17 -24.96 7.95
CA TYR A 93 25.93 -23.94 8.68
C TYR A 93 27.03 -23.33 7.83
N ASP A 94 27.09 -22.01 7.82
CA ASP A 94 28.23 -21.30 7.25
C ASP A 94 28.42 -20.03 8.04
N SER A 95 29.31 -20.04 9.02
CA SER A 95 29.55 -18.86 9.84
C SER A 95 29.81 -17.58 9.02
N THR A 96 30.19 -17.76 7.76
CA THR A 96 30.66 -16.68 6.90
C THR A 96 29.51 -15.97 6.14
N TYR A 97 28.35 -16.61 6.05
CA TYR A 97 27.25 -16.09 5.25
C TYR A 97 26.76 -14.79 5.88
N LEU A 98 26.56 -13.78 5.03
CA LEU A 98 25.98 -12.49 5.40
C LEU A 98 26.87 -11.66 6.33
N SER A 99 28.17 -11.68 6.03
CA SER A 99 29.18 -10.97 6.82
C SER A 99 29.73 -9.75 6.11
N THR A 100 29.42 -9.61 4.81
CA THR A 100 30.00 -8.58 3.96
C THR A 100 28.90 -7.65 3.47
N ASP A 101 29.26 -6.41 3.18
CA ASP A 101 28.29 -5.40 2.72
C ASP A 101 27.60 -5.79 1.42
N ASN A 102 28.34 -6.40 0.50
CA ASN A 102 27.75 -6.90 -0.74
C ASN A 102 26.67 -7.95 -0.51
N GLU A 103 26.91 -8.88 0.42
CA GLU A 103 25.91 -9.86 0.80
C GLU A 103 24.71 -9.21 1.45
N LYS A 104 24.97 -8.22 2.30
CA LYS A 104 23.90 -7.53 3.00
C LYS A 104 23.07 -6.74 1.97
N ASP A 105 23.73 -6.16 0.98
CA ASP A 105 23.00 -5.46 -0.12
C ASP A 105 22.07 -6.43 -0.88
N ASN A 106 22.63 -7.58 -1.27
CA ASN A 106 21.89 -8.57 -2.02
C ASN A 106 20.76 -9.20 -1.22
N TYR A 107 20.98 -9.41 0.08
CA TYR A 107 19.89 -9.80 1.01
C TYR A 107 18.74 -8.81 1.02
N LEU A 108 19.08 -7.54 1.16
CA LEU A 108 18.06 -6.50 1.27
C LEU A 108 17.23 -6.37 -0.01
N LYS A 109 17.89 -6.47 -1.16
CA LYS A 109 17.19 -6.40 -2.47
C LYS A 109 16.38 -7.67 -2.73
N GLY A 110 16.89 -8.81 -2.25
CA GLY A 110 16.15 -10.04 -2.41
C GLY A 110 14.90 -10.06 -1.55
N VAL A 111 15.02 -9.63 -0.30
CA VAL A 111 13.81 -9.53 0.57
C VAL A 111 12.81 -8.55 -0.03
N THR A 112 13.32 -7.42 -0.49
CA THR A 112 12.53 -6.43 -1.18
C THR A 112 11.74 -7.03 -2.33
N LYS A 113 12.42 -7.82 -3.16
CA LYS A 113 11.79 -8.42 -4.35
C LYS A 113 10.69 -9.40 -3.98
N LEU A 114 10.95 -10.18 -2.95
CA LEU A 114 9.99 -11.15 -2.44
C LEU A 114 8.73 -10.49 -1.85
N PHE A 115 8.90 -9.36 -1.17
CA PHE A 115 7.76 -8.57 -0.68
C PHE A 115 6.88 -8.07 -1.85
N GLU A 116 7.51 -7.56 -2.89
CA GLU A 116 6.81 -7.12 -4.08
C GLU A 116 6.12 -8.26 -4.82
N ARG A 117 6.74 -9.44 -4.81
CA ARG A 117 6.14 -10.63 -5.39
C ARG A 117 4.87 -11.06 -4.62
N ILE A 118 4.94 -11.00 -3.30
CA ILE A 118 3.81 -11.36 -2.45
C ILE A 118 2.69 -10.34 -2.65
N TYR A 119 3.06 -9.07 -2.65
CA TYR A 119 2.13 -7.96 -2.83
C TYR A 119 1.52 -7.90 -4.23
N SER A 120 2.15 -8.54 -5.22
CA SER A 120 1.62 -8.66 -6.56
C SER A 120 0.34 -9.51 -6.63
N THR A 121 0.05 -10.26 -5.56
CA THR A 121 -1.13 -11.11 -5.51
C THR A 121 -2.19 -10.49 -4.63
N ASP A 122 -3.47 -10.72 -4.98
CA ASP A 122 -4.60 -10.25 -4.14
C ASP A 122 -4.42 -10.75 -2.71
N LEU A 123 -4.02 -12.01 -2.59
CA LEU A 123 -3.88 -12.66 -1.26
C LEU A 123 -2.79 -12.00 -0.45
N GLY A 124 -1.69 -11.69 -1.11
CA GLY A 124 -0.56 -11.00 -0.44
C GLY A 124 -0.88 -9.59 0.00
N ARG A 125 -1.70 -8.89 -0.78
CA ARG A 125 -2.10 -7.57 -0.37
C ARG A 125 -3.01 -7.63 0.84
N MET A 126 -3.94 -8.58 0.88
CA MET A 126 -4.73 -8.81 2.09
C MET A 126 -3.85 -9.16 3.31
N LEU A 127 -2.95 -10.10 3.18
CA LEU A 127 -2.08 -10.50 4.29
C LEU A 127 -1.19 -9.37 4.86
N LEU A 128 -0.53 -8.65 3.99
CA LEU A 128 0.41 -7.61 4.42
C LEU A 128 -0.31 -6.45 5.06
N THR A 129 -1.51 -6.15 4.56
CA THR A 129 -2.39 -5.12 5.17
C THR A 129 -2.73 -5.56 6.58
N SER A 130 -3.10 -6.83 6.76
CA SER A 130 -3.52 -7.32 8.07
C SER A 130 -2.37 -7.17 9.03
N ILE A 131 -1.19 -7.51 8.54
CA ILE A 131 0.05 -7.45 9.32
C ILE A 131 0.37 -6.02 9.75
N VAL A 132 0.29 -5.09 8.81
CA VAL A 132 0.57 -3.69 9.11
C VAL A 132 -0.45 -3.12 10.09
N ARG A 133 -1.69 -3.57 10.00
CA ARG A 133 -2.75 -3.10 10.89
C ARG A 133 -2.74 -3.75 12.31
N GLY A 134 -1.97 -4.82 12.44
CA GLY A 134 -1.98 -5.67 13.63
C GLY A 134 -1.05 -5.20 14.72
N ILE A 135 -1.14 -3.93 15.08
CA ILE A 135 -0.24 -3.35 16.10
C ILE A 135 -0.34 -4.11 17.43
N PRO A 136 0.81 -4.54 18.00
CA PRO A 136 0.74 -5.17 19.32
C PRO A 136 0.02 -4.35 20.38
N PHE A 137 -0.87 -5.00 21.12
CA PHE A 137 -1.65 -4.36 22.15
C PHE A 137 -0.83 -3.70 23.27
N TRP A 138 -1.31 -2.52 23.71
CA TRP A 138 -0.67 -1.82 24.83
C TRP A 138 -1.16 -2.41 26.13
N GLY A 139 -0.62 -3.57 26.49
CA GLY A 139 -1.09 -4.25 27.73
C GLY A 139 0.01 -4.29 28.76
N GLY A 140 0.80 -3.23 28.82
CA GLY A 140 2.03 -3.20 29.59
C GLY A 140 1.95 -2.67 31.00
N SER A 141 0.81 -2.11 31.38
CA SER A 141 0.67 -1.58 32.72
C SER A 141 0.39 -2.67 33.75
N THR A 142 0.96 -2.50 34.94
CA THR A 142 0.54 -3.24 36.13
C THR A 142 -0.61 -2.52 36.79
N ILE A 143 -0.94 -1.32 36.28
CA ILE A 143 -2.12 -0.58 36.70
C ILE A 143 -3.26 -0.92 35.75
N ASP A 144 -4.34 -1.45 36.33
CA ASP A 144 -5.44 -2.11 35.63
C ASP A 144 -6.24 -1.16 34.75
N THR A 145 -6.15 0.13 35.02
CA THR A 145 -6.94 1.18 34.36
C THR A 145 -6.07 2.04 33.46
N GLU A 146 -4.85 1.61 33.18
CA GLU A 146 -3.86 2.41 32.46
C GLU A 146 -3.39 1.61 31.25
N LEU A 147 -3.38 2.25 30.09
CA LEU A 147 -2.79 1.66 28.89
C LEU A 147 -1.34 2.09 28.80
N LYS A 148 -0.48 1.21 28.30
CA LYS A 148 0.95 1.43 28.24
C LYS A 148 1.55 0.43 27.25
N VAL A 149 2.54 0.88 26.49
CA VAL A 149 3.19 0.04 25.52
C VAL A 149 3.95 -1.06 26.25
N ILE A 150 4.20 -2.16 25.55
CA ILE A 150 5.12 -3.19 26.04
C ILE A 150 6.48 -3.00 25.33
N ASP A 151 7.50 -2.77 26.12
CA ASP A 151 8.82 -2.29 25.69
C ASP A 151 9.48 -3.15 24.64
N THR A 152 9.21 -4.46 24.67
CA THR A 152 9.80 -5.38 23.73
C THR A 152 9.05 -5.39 22.39
N ASN A 153 8.01 -4.58 22.29
CA ASN A 153 7.34 -4.36 21.01
C ASN A 153 7.84 -3.13 20.25
N CYS A 154 9.03 -2.65 20.64
CA CYS A 154 9.66 -1.51 20.03
C CYS A 154 11.12 -1.79 19.70
N ILE A 155 11.72 -0.86 18.97
CA ILE A 155 13.16 -0.80 18.77
C ILE A 155 13.63 0.63 19.05
N ASN A 156 14.91 0.81 19.41
CA ASN A 156 15.50 2.15 19.51
C ASN A 156 16.09 2.52 18.15
N VAL A 157 15.59 3.61 17.55
CA VAL A 157 16.05 4.11 16.25
C VAL A 157 17.02 5.27 16.42
N ILE A 158 18.28 5.02 16.17
CA ILE A 158 19.31 6.03 16.40
C ILE A 158 19.31 6.98 15.19
N GLN A 159 19.51 8.26 15.48
CA GLN A 159 19.54 9.29 14.46
C GLN A 159 20.98 9.56 14.05
N PRO A 160 21.20 10.19 12.87
CA PRO A 160 22.56 10.55 12.45
C PRO A 160 23.42 11.27 13.50
N ASP A 161 22.80 12.06 14.38
CA ASP A 161 23.56 12.76 15.41
C ASP A 161 23.71 11.94 16.69
N GLY A 162 23.22 10.71 16.68
CA GLY A 162 23.35 9.79 17.81
C GLY A 162 22.24 9.78 18.84
N SER A 163 21.31 10.73 18.77
CA SER A 163 20.14 10.70 19.62
C SER A 163 19.31 9.51 19.17
N TYR A 164 18.31 9.13 19.96
CA TYR A 164 17.48 8.01 19.56
C TYR A 164 16.06 8.19 20.03
N ARG A 165 15.15 7.52 19.36
CA ARG A 165 13.75 7.51 19.75
C ARG A 165 13.27 6.07 19.75
N SER A 166 12.38 5.74 20.66
CA SER A 166 11.74 4.43 20.60
C SER A 166 10.65 4.45 19.55
N GLU A 167 10.64 3.43 18.72
CA GLU A 167 9.63 3.31 17.67
C GLU A 167 8.94 1.95 17.81
N GLU A 168 7.62 1.97 17.86
CA GLU A 168 6.86 0.72 17.81
C GLU A 168 6.91 0.16 16.39
N LEU A 169 6.96 -1.17 16.29
CA LEU A 169 6.91 -1.83 15.00
C LEU A 169 6.21 -3.19 15.12
N ASN A 170 5.83 -3.78 13.98
CA ASN A 170 5.09 -5.03 13.98
C ASN A 170 5.93 -6.22 13.57
N LEU A 171 6.92 -5.96 12.72
CA LEU A 171 7.61 -7.03 12.03
C LEU A 171 9.01 -6.60 11.71
N VAL A 172 9.92 -7.52 11.92
CA VAL A 172 11.32 -7.38 11.54
C VAL A 172 11.71 -8.64 10.75
N ILE A 173 12.33 -8.45 9.60
CA ILE A 173 12.91 -9.52 8.85
C ILE A 173 14.40 -9.49 9.12
N ILE A 174 14.93 -10.61 9.59
CA ILE A 174 16.33 -10.69 9.94
C ILE A 174 16.95 -11.96 9.34
N GLY A 175 18.27 -11.97 9.20
CA GLY A 175 18.97 -13.13 8.69
C GLY A 175 18.95 -14.26 9.70
N PRO A 176 19.21 -15.50 9.23
CA PRO A 176 19.13 -16.64 10.11
C PRO A 176 20.24 -16.65 11.15
N SER A 177 20.09 -17.47 12.18
CA SER A 177 21.10 -17.64 13.21
C SER A 177 22.03 -18.73 12.65
N ALA A 178 22.61 -19.57 13.50
CA ALA A 178 23.61 -20.55 13.06
C ALA A 178 23.10 -21.48 11.96
N ASP A 179 21.95 -22.09 12.16
CA ASP A 179 21.35 -22.98 11.14
C ASP A 179 20.70 -22.15 10.02
N ILE A 180 21.37 -22.06 8.88
CA ILE A 180 20.96 -21.14 7.81
C ILE A 180 19.55 -21.41 7.23
N ILE A 181 19.14 -22.68 7.15
CA ILE A 181 17.78 -23.01 6.61
C ILE A 181 16.69 -23.13 7.68
N GLN A 182 17.02 -22.80 8.93
CA GLN A 182 16.03 -22.83 10.00
C GLN A 182 15.24 -21.51 10.01
N PHE A 183 14.30 -21.37 9.09
CA PHE A 183 13.44 -20.18 9.05
C PHE A 183 12.36 -20.26 10.11
N GLU A 184 12.05 -19.13 10.74
CA GLU A 184 11.08 -19.13 11.82
C GLU A 184 10.58 -17.75 12.14
N CYS A 185 9.43 -17.72 12.80
CA CYS A 185 8.84 -16.48 13.25
C CYS A 185 8.82 -16.56 14.73
N LYS A 186 9.63 -15.75 15.40
CA LYS A 186 9.66 -15.70 16.86
C LYS A 186 9.51 -14.27 17.40
N SER A 187 9.39 -14.16 18.72
CA SER A 187 9.14 -12.88 19.36
C SER A 187 9.52 -12.93 20.83
N PHE A 188 9.61 -11.74 21.44
CA PHE A 188 10.00 -11.60 22.84
C PHE A 188 8.79 -11.82 23.73
N GLY A 189 8.97 -12.65 24.74
CA GLY A 189 7.90 -12.98 25.69
C GLY A 189 7.71 -11.97 26.80
N HIS A 190 6.61 -12.13 27.51
CA HIS A 190 6.31 -11.34 28.68
C HIS A 190 6.44 -12.28 29.85
N GLU A 191 6.88 -11.78 31.00
CA GLU A 191 7.07 -12.64 32.15
C GLU A 191 5.79 -13.29 32.61
N VAL A 192 4.65 -12.64 32.34
CA VAL A 192 3.35 -13.13 32.76
C VAL A 192 2.39 -13.36 31.59
N LEU A 193 2.38 -12.45 30.61
CA LEU A 193 1.43 -12.53 29.51
C LEU A 193 1.95 -13.47 28.42
N ASN A 194 1.04 -14.24 27.84
CA ASN A 194 1.31 -15.06 26.65
C ASN A 194 0.85 -14.29 25.41
N LEU A 195 1.71 -13.41 24.91
CA LEU A 195 1.28 -12.36 23.96
C LEU A 195 0.81 -12.88 22.63
N THR A 196 1.33 -14.03 22.22
CA THR A 196 0.98 -14.61 20.90
C THR A 196 -0.24 -15.53 21.02
N ARG A 197 -0.80 -15.65 22.21
CA ARG A 197 -1.93 -16.54 22.49
C ARG A 197 -3.02 -15.93 23.37
N ASN A 198 -2.95 -14.62 23.65
CA ASN A 198 -3.97 -13.92 24.48
C ASN A 198 -4.66 -12.76 23.73
N GLY A 199 -4.52 -12.74 22.41
CA GLY A 199 -5.07 -11.68 21.58
C GLY A 199 -4.23 -10.40 21.46
N TYR A 200 -3.24 -10.22 22.33
CA TYR A 200 -2.49 -8.95 22.38
C TYR A 200 -1.60 -8.78 21.17
N GLY A 201 -0.81 -9.82 20.91
CA GLY A 201 0.20 -9.80 19.89
C GLY A 201 1.49 -9.19 20.39
N SER A 202 2.52 -9.31 19.56
CA SER A 202 3.87 -8.85 19.87
C SER A 202 4.63 -8.65 18.56
N THR A 203 5.63 -7.78 18.56
CA THR A 203 6.50 -7.61 17.38
C THR A 203 7.13 -8.95 16.95
N GLN A 204 7.01 -9.28 15.67
CA GLN A 204 7.48 -10.56 15.17
C GLN A 204 8.82 -10.41 14.48
N TYR A 205 9.74 -11.32 14.77
CA TYR A 205 11.03 -11.39 14.10
C TYR A 205 11.09 -12.65 13.26
N ILE A 206 11.23 -12.48 11.95
CA ILE A 206 11.32 -13.59 11.02
C ILE A 206 12.78 -13.77 10.61
N ARG A 207 13.39 -14.84 11.09
CA ARG A 207 14.67 -15.30 10.58
C ARG A 207 14.42 -15.90 9.24
N PHE A 208 15.01 -15.29 8.21
CA PHE A 208 14.76 -15.69 6.83
C PHE A 208 15.97 -15.32 5.95
N SER A 209 16.32 -16.20 5.01
CA SER A 209 17.28 -15.89 3.95
C SER A 209 16.64 -16.05 2.57
N PRO A 210 16.76 -15.04 1.69
CA PRO A 210 16.39 -15.18 0.28
C PRO A 210 17.46 -15.83 -0.58
N ASP A 211 18.59 -16.19 0.02
CA ASP A 211 19.78 -16.67 -0.68
C ASP A 211 19.95 -18.19 -0.69
N PHE A 212 19.06 -18.88 0.04
CA PHE A 212 19.02 -20.34 0.03
C PHE A 212 17.58 -20.79 -0.06
N THR A 213 17.42 -22.02 -0.55
CA THR A 213 16.13 -22.70 -0.45
C THR A 213 16.34 -24.21 -0.22
N PHE A 214 15.24 -24.93 -0.09
CA PHE A 214 15.31 -26.35 0.14
C PHE A 214 14.54 -27.09 -0.96
N GLY A 215 14.80 -28.38 -1.06
CA GLY A 215 14.22 -29.20 -2.10
C GLY A 215 13.03 -30.05 -1.69
N PHE A 216 12.33 -30.54 -2.71
CA PHE A 216 11.30 -31.52 -2.55
C PHE A 216 11.26 -32.36 -3.85
N GLU A 217 10.75 -33.57 -3.72
CA GLU A 217 10.58 -34.44 -4.87
C GLU A 217 9.13 -34.41 -5.32
N GLU A 218 8.94 -34.44 -6.62
CA GLU A 218 7.60 -34.49 -7.19
C GLU A 218 7.63 -35.26 -8.49
N SER A 219 6.59 -36.04 -8.72
CA SER A 219 6.43 -36.79 -9.96
C SER A 219 5.28 -36.14 -10.70
N LEU A 220 5.55 -35.58 -11.88
CA LEU A 220 4.60 -34.67 -12.54
C LEU A 220 3.42 -35.35 -13.26
N GLU A 221 3.73 -36.20 -14.23
CA GLU A 221 2.73 -36.70 -15.14
C GLU A 221 2.92 -38.20 -15.30
N ASN A 225 8.39 -38.78 -22.17
CA ASN A 225 7.02 -38.73 -21.65
C ASN A 225 6.82 -39.75 -20.53
N PRO A 226 6.61 -41.05 -20.85
CA PRO A 226 6.37 -42.02 -19.77
C PRO A 226 7.57 -42.29 -18.86
N LEU A 227 8.79 -42.08 -19.36
CA LEU A 227 10.01 -42.43 -18.63
C LEU A 227 10.45 -41.36 -17.62
N LEU A 228 9.65 -40.31 -17.43
CA LEU A 228 9.93 -39.31 -16.43
C LEU A 228 9.58 -39.89 -15.06
N GLY A 229 10.60 -40.12 -14.24
CA GLY A 229 10.40 -40.58 -12.87
C GLY A 229 10.07 -39.39 -12.02
N ALA A 230 10.49 -39.42 -10.76
CA ALA A 230 10.33 -38.28 -9.90
C ALA A 230 11.43 -37.29 -10.24
N GLY A 231 11.09 -36.01 -10.21
CA GLY A 231 12.04 -34.92 -10.42
C GLY A 231 12.35 -34.24 -9.08
N LYS A 232 13.38 -33.40 -9.10
CA LYS A 232 13.88 -32.78 -7.89
C LYS A 232 13.76 -31.29 -8.06
N PHE A 233 12.94 -30.70 -7.20
CA PHE A 233 12.53 -29.32 -7.37
C PHE A 233 12.96 -28.52 -6.16
N ALA A 234 12.89 -27.20 -6.30
CA ALA A 234 13.27 -26.30 -5.26
C ALA A 234 12.05 -25.50 -4.87
N THR A 235 11.92 -25.31 -3.57
CA THR A 235 10.90 -24.42 -3.05
C THR A 235 11.09 -22.97 -3.47
N ASP A 236 10.01 -22.34 -3.90
CA ASP A 236 10.05 -20.93 -4.26
C ASP A 236 10.13 -20.12 -2.98
N PRO A 237 11.18 -19.29 -2.85
CA PRO A 237 11.34 -18.56 -1.61
C PRO A 237 10.29 -17.48 -1.32
N ALA A 238 9.48 -17.07 -2.30
CA ALA A 238 8.30 -16.24 -1.97
C ALA A 238 7.31 -17.04 -1.16
N VAL A 239 7.21 -18.35 -1.43
CA VAL A 239 6.29 -19.22 -0.71
C VAL A 239 6.76 -19.39 0.74
N THR A 240 8.06 -19.59 0.94
CA THR A 240 8.62 -19.71 2.28
C THR A 240 8.41 -18.41 3.08
N LEU A 241 8.73 -17.28 2.49
CA LEU A 241 8.51 -16.03 3.20
C LEU A 241 7.03 -15.81 3.51
N ALA A 242 6.13 -16.04 2.55
CA ALA A 242 4.69 -15.92 2.85
C ALA A 242 4.28 -16.81 4.06
N HIS A 243 4.82 -18.02 4.11
CA HIS A 243 4.56 -18.99 5.20
C HIS A 243 4.88 -18.35 6.55
N GLU A 244 6.06 -17.77 6.64
CA GLU A 244 6.47 -17.10 7.87
C GLU A 244 5.64 -15.86 8.14
N LEU A 245 5.26 -15.14 7.08
CA LEU A 245 4.40 -13.98 7.22
C LEU A 245 3.03 -14.38 7.78
N ILE A 246 2.54 -15.56 7.38
CA ILE A 246 1.29 -16.11 7.91
C ILE A 246 1.38 -16.42 9.41
N HIS A 247 2.48 -16.99 9.85
CA HIS A 247 2.66 -17.19 11.28
C HIS A 247 2.65 -15.81 11.98
N ALA A 248 3.30 -14.83 11.35
CA ALA A 248 3.41 -13.48 11.91
C ALA A 248 2.04 -12.89 12.09
N GLY A 249 1.17 -13.05 11.11
CA GLY A 249 -0.24 -12.65 11.22
C GLY A 249 -0.93 -13.28 12.42
N HIS A 250 -0.76 -14.58 12.64
CA HIS A 250 -1.44 -15.25 13.77
C HIS A 250 -0.96 -14.69 15.10
N ARG A 251 0.36 -14.58 15.18
CA ARG A 251 1.06 -14.11 16.36
C ARG A 251 0.85 -12.62 16.66
N LEU A 252 0.71 -11.76 15.64
CA LEU A 252 0.37 -10.33 15.85
C LEU A 252 -1.05 -10.09 16.36
N TYR A 253 -1.97 -10.97 15.99
CA TYR A 253 -3.34 -10.90 16.53
C TYR A 253 -3.53 -11.83 17.72
N GLY A 254 -2.41 -12.38 18.19
CA GLY A 254 -2.37 -13.19 19.39
C GLY A 254 -3.27 -14.42 19.37
N ILE A 255 -3.33 -15.09 18.22
CA ILE A 255 -4.18 -16.27 18.04
C ILE A 255 -3.40 -17.48 17.52
N ALA A 256 -2.11 -17.52 17.86
CA ALA A 256 -1.24 -18.65 17.53
C ALA A 256 -1.70 -19.86 18.31
N ILE A 257 -1.56 -21.06 17.74
CA ILE A 257 -1.83 -22.28 18.49
C ILE A 257 -0.58 -22.65 19.27
N ASN A 258 -0.79 -22.93 20.54
CA ASN A 258 0.22 -23.39 21.47
C ASN A 258 1.07 -24.47 20.80
N PRO A 259 2.40 -24.27 20.74
CA PRO A 259 3.24 -25.26 20.08
C PRO A 259 3.29 -26.64 20.73
N ASN A 260 2.74 -26.79 21.94
CA ASN A 260 2.59 -28.09 22.55
C ASN A 260 1.44 -28.91 21.95
N ARG A 261 0.66 -28.31 21.04
CA ARG A 261 -0.37 -29.04 20.31
C ARG A 261 0.24 -29.57 19.02
N VAL A 262 0.44 -30.87 18.95
CA VAL A 262 1.16 -31.50 17.87
C VAL A 262 0.56 -32.86 17.53
N PHE A 263 0.83 -33.32 16.30
CA PHE A 263 0.75 -34.74 15.94
C PHE A 263 2.13 -35.36 16.12
N LYS A 264 2.17 -36.50 16.77
CA LYS A 264 3.41 -37.25 16.96
C LYS A 264 3.10 -38.74 17.17
N GLU A 277 6.70 -35.73 13.92
CA GLU A 277 6.04 -34.61 14.61
C GLU A 277 5.73 -33.42 13.73
N VAL A 278 4.50 -32.93 13.82
CA VAL A 278 4.16 -31.68 13.19
C VAL A 278 3.14 -30.97 14.07
N SER A 279 3.38 -29.69 14.35
CA SER A 279 2.50 -28.91 15.19
C SER A 279 1.24 -28.50 14.44
N PHE A 280 0.17 -28.33 15.21
CA PHE A 280 -1.10 -27.79 14.70
C PHE A 280 -0.87 -26.46 14.02
N GLU A 281 -0.01 -25.62 14.59
CA GLU A 281 0.22 -24.28 14.05
C GLU A 281 0.83 -24.37 12.64
N GLU A 282 1.72 -25.34 12.43
CA GLU A 282 2.33 -25.55 11.10
C GLU A 282 1.34 -26.10 10.09
N LEU A 283 0.50 -27.03 10.53
CA LEU A 283 -0.56 -27.57 9.67
C LEU A 283 -1.53 -26.47 9.23
N ARG A 284 -1.95 -25.64 10.18
CA ARG A 284 -2.81 -24.50 9.90
C ARG A 284 -2.18 -23.58 8.87
N THR A 285 -0.90 -23.28 9.05
CA THR A 285 -0.21 -22.33 8.21
C THR A 285 0.04 -22.89 6.83
N PHE A 286 0.36 -24.18 6.72
CA PHE A 286 0.55 -24.82 5.41
C PHE A 286 -0.78 -24.83 4.69
N GLY A 287 -1.82 -25.16 5.43
CA GLY A 287 -3.18 -25.10 4.91
C GLY A 287 -3.44 -26.26 3.97
N GLY A 288 -4.33 -26.03 3.02
CA GLY A 288 -4.82 -27.08 2.14
C GLY A 288 -5.39 -28.22 2.93
N HIS A 289 -5.09 -29.43 2.47
CA HIS A 289 -5.60 -30.61 3.11
C HIS A 289 -4.96 -30.92 4.48
N ASP A 290 -3.73 -30.46 4.70
CA ASP A 290 -3.02 -30.62 5.99
C ASP A 290 -3.81 -30.05 7.16
N ALA A 291 -4.39 -28.89 6.96
CA ALA A 291 -5.15 -28.24 7.99
C ALA A 291 -6.44 -28.97 8.29
N LYS A 292 -6.92 -29.83 7.38
CA LYS A 292 -8.14 -30.61 7.66
C LYS A 292 -7.93 -31.69 8.70
N PHE A 293 -6.69 -32.00 9.05
CA PHE A 293 -6.43 -32.94 10.11
C PHE A 293 -6.61 -32.31 11.50
N ILE A 294 -6.68 -30.98 11.59
CA ILE A 294 -7.18 -30.37 12.83
C ILE A 294 -8.73 -30.59 12.88
N ASP A 295 -9.26 -31.43 13.75
CA ASP A 295 -10.73 -31.67 13.71
C ASP A 295 -11.54 -30.38 14.02
N SER A 296 -12.72 -30.28 13.41
CA SER A 296 -13.58 -29.11 13.54
C SER A 296 -14.00 -28.84 14.99
N LEU A 297 -14.09 -29.89 15.82
CA LEU A 297 -14.39 -29.69 17.23
C LEU A 297 -13.25 -28.95 17.92
N GLN A 298 -12.03 -29.37 17.63
CA GLN A 298 -10.81 -28.69 18.10
C GLN A 298 -10.76 -27.22 17.64
N GLU A 299 -11.08 -26.99 16.37
CA GLU A 299 -11.08 -25.66 15.77
C GLU A 299 -12.13 -24.75 16.42
N ASN A 300 -13.34 -25.30 16.65
CA ASN A 300 -14.40 -24.54 17.34
C ASN A 300 -13.94 -24.13 18.73
N GLU A 301 -13.25 -25.05 19.41
CA GLU A 301 -12.68 -24.78 20.71
C GLU A 301 -11.64 -23.64 20.70
N PHE A 302 -10.72 -23.62 19.72
CA PHE A 302 -9.76 -22.52 19.62
C PHE A 302 -10.46 -21.20 19.30
N ARG A 303 -11.41 -21.23 18.37
CA ARG A 303 -12.12 -20.01 17.96
C ARG A 303 -12.83 -19.38 19.17
N LEU A 304 -13.49 -20.19 19.98
CA LEU A 304 -14.17 -19.68 21.17
C LEU A 304 -13.17 -19.12 22.17
N TYR A 305 -12.05 -19.81 22.33
CA TYR A 305 -10.99 -19.38 23.23
C TYR A 305 -10.50 -17.99 22.88
N TYR A 306 -10.23 -17.76 21.61
CA TYR A 306 -9.71 -16.48 21.18
C TYR A 306 -10.80 -15.40 21.08
N TYR A 307 -12.04 -15.80 20.81
CA TYR A 307 -13.19 -14.89 20.90
C TYR A 307 -13.25 -14.28 22.29
N ASN A 308 -13.19 -15.13 23.30
CA ASN A 308 -13.14 -14.67 24.68
C ASN A 308 -11.93 -13.82 25.01
N LYS A 309 -10.77 -14.11 24.42
CA LYS A 309 -9.58 -13.27 24.63
C LYS A 309 -9.77 -11.88 24.05
N PHE A 310 -10.45 -11.79 22.90
CA PHE A 310 -10.79 -10.51 22.31
C PHE A 310 -11.82 -9.76 23.13
N LYS A 311 -12.76 -10.46 23.74
CA LYS A 311 -13.73 -9.78 24.67
C LYS A 311 -13.01 -9.18 25.87
N ASP A 312 -12.02 -9.92 26.39
CA ASP A 312 -11.17 -9.43 27.46
C ASP A 312 -10.43 -8.14 27.05
N ILE A 313 -9.91 -8.08 25.84
CA ILE A 313 -9.25 -6.84 25.34
C ILE A 313 -10.24 -5.66 25.25
N ALA A 314 -11.48 -5.92 24.83
CA ALA A 314 -12.52 -4.88 24.75
C ALA A 314 -12.89 -4.41 26.16
N SER A 315 -13.01 -5.33 27.11
CA SER A 315 -13.26 -4.93 28.51
C SER A 315 -12.12 -4.08 29.09
N THR A 316 -10.88 -4.47 28.83
CA THR A 316 -9.69 -3.70 29.25
C THR A 316 -9.68 -2.31 28.67
N LEU A 317 -9.96 -2.19 27.38
CA LEU A 317 -10.06 -0.88 26.74
C LEU A 317 -11.16 -0.02 27.37
N ASN A 318 -12.26 -0.67 27.72
CA ASN A 318 -13.40 -0.01 28.35
C ASN A 318 -13.09 0.49 29.77
N LYS A 319 -12.33 -0.31 30.52
CA LYS A 319 -11.89 0.04 31.86
C LYS A 319 -10.72 1.04 31.88
N ALA A 320 -10.05 1.23 30.74
CA ALA A 320 -8.94 2.18 30.65
C ALA A 320 -9.42 3.58 31.02
N LYS A 321 -8.64 4.25 31.86
CA LYS A 321 -8.95 5.59 32.35
C LYS A 321 -7.82 6.57 32.06
N SER A 322 -6.64 6.04 31.77
CA SER A 322 -5.47 6.88 31.55
C SER A 322 -4.50 6.13 30.68
N ILE A 323 -3.52 6.87 30.17
CA ILE A 323 -2.52 6.33 29.26
C ILE A 323 -1.16 6.94 29.62
N VAL A 324 -0.07 6.19 29.42
CA VAL A 324 1.26 6.71 29.73
C VAL A 324 2.15 6.58 28.55
N GLY A 325 3.07 7.54 28.39
CA GLY A 325 3.95 7.60 27.24
C GLY A 325 3.25 8.21 26.04
N ALA A 328 -0.31 11.19 22.47
CA ALA A 328 -1.56 10.61 22.02
C ALA A 328 -2.59 10.58 23.14
N SER A 329 -3.82 10.99 22.82
CA SER A 329 -4.92 10.86 23.75
C SER A 329 -5.23 9.39 24.02
N LEU A 330 -5.82 9.12 25.18
CA LEU A 330 -6.40 7.82 25.46
C LEU A 330 -7.44 7.46 24.39
N GLN A 331 -8.24 8.43 23.96
CA GLN A 331 -9.30 8.18 22.97
C GLN A 331 -8.72 7.69 21.68
N TYR A 332 -7.64 8.35 21.23
CA TYR A 332 -6.91 7.97 20.02
C TYR A 332 -6.35 6.55 20.08
N MET A 333 -5.72 6.16 21.19
CA MET A 333 -5.09 4.82 21.25
C MET A 333 -6.14 3.73 21.34
N LYS A 334 -7.18 3.95 22.12
CA LYS A 334 -8.33 3.03 22.16
C LYS A 334 -8.84 2.74 20.73
N ASN A 335 -8.96 3.79 19.93
CA ASN A 335 -9.41 3.68 18.54
C ASN A 335 -8.50 2.92 17.61
N VAL A 336 -7.18 3.06 17.84
CA VAL A 336 -6.20 2.27 17.12
C VAL A 336 -6.53 0.79 17.30
N PHE A 337 -6.92 0.40 18.51
CA PHE A 337 -7.18 -1.00 18.77
C PHE A 337 -8.62 -1.44 18.41
N LYS A 338 -9.58 -0.53 18.48
CA LYS A 338 -10.87 -0.79 17.87
C LYS A 338 -10.66 -1.11 16.37
N GLU A 339 -9.82 -0.33 15.68
CA GLU A 339 -9.50 -0.57 14.25
C GLU A 339 -8.80 -1.95 14.00
N LYS A 340 -7.81 -2.26 14.82
CA LYS A 340 -7.10 -3.54 14.70
C LYS A 340 -8.04 -4.69 14.82
N TYR A 341 -8.87 -4.68 15.87
CA TYR A 341 -9.65 -5.85 16.23
C TYR A 341 -11.05 -5.84 15.66
N LEU A 342 -11.38 -4.83 14.86
CA LEU A 342 -12.71 -4.69 14.25
C LEU A 342 -13.79 -4.59 15.33
N LEU A 343 -13.48 -3.84 16.39
CA LEU A 343 -14.43 -3.70 17.50
C LEU A 343 -15.58 -2.77 17.16
N SER A 344 -16.74 -3.09 17.73
CA SER A 344 -17.93 -2.28 17.61
C SER A 344 -17.94 -1.25 18.76
N GLU A 345 -18.51 -0.07 18.51
CA GLU A 345 -18.52 1.01 19.52
C GLU A 345 -19.94 1.57 19.55
N ASP A 346 -20.54 1.68 20.74
CA ASP A 346 -21.88 2.26 20.86
C ASP A 346 -21.77 3.77 21.08
N THR A 347 -22.90 4.42 21.33
CA THR A 347 -22.93 5.87 21.55
C THR A 347 -22.28 6.30 22.87
N SER A 348 -22.21 5.39 23.85
CA SER A 348 -21.44 5.63 25.06
C SER A 348 -19.93 5.70 24.78
N GLY A 349 -19.48 5.00 23.73
CA GLY A 349 -18.07 4.86 23.46
C GLY A 349 -17.53 3.54 23.99
N LYS A 350 -18.44 2.67 24.43
CA LYS A 350 -18.11 1.35 24.95
C LYS A 350 -17.90 0.38 23.79
N PHE A 351 -16.87 -0.45 23.91
CA PHE A 351 -16.48 -1.40 22.87
C PHE A 351 -17.05 -2.77 23.16
N SER A 352 -17.28 -3.52 22.07
CA SER A 352 -17.68 -4.92 22.17
C SER A 352 -17.23 -5.65 20.91
N VAL A 353 -16.98 -6.94 21.06
CA VAL A 353 -16.60 -7.76 19.95
C VAL A 353 -17.88 -8.13 19.20
N ASP A 354 -17.89 -7.88 17.89
CA ASP A 354 -19.00 -8.32 17.04
C ASP A 354 -18.68 -9.74 16.57
N LYS A 355 -19.61 -10.67 16.74
CA LYS A 355 -19.36 -12.08 16.42
C LYS A 355 -19.08 -12.33 14.93
N LEU A 356 -19.81 -11.68 14.03
CA LEU A 356 -19.56 -11.80 12.60
C LEU A 356 -18.24 -11.17 12.15
N LYS A 357 -17.86 -10.06 12.75
CA LYS A 357 -16.59 -9.44 12.39
C LYS A 357 -15.47 -10.25 12.98
N PHE A 358 -15.67 -10.81 14.15
CA PHE A 358 -14.63 -11.68 14.74
C PHE A 358 -14.39 -12.90 13.83
N ASP A 359 -15.46 -13.58 13.46
CA ASP A 359 -15.36 -14.76 12.59
C ASP A 359 -14.64 -14.45 11.28
N LYS A 360 -14.95 -13.29 10.69
CA LYS A 360 -14.30 -12.79 9.44
C LYS A 360 -12.80 -12.66 9.61
N LEU A 361 -12.41 -11.93 10.66
CA LEU A 361 -10.99 -11.66 10.97
C LEU A 361 -10.29 -12.97 11.26
N TYR A 362 -10.91 -13.80 12.08
CA TYR A 362 -10.29 -15.10 12.49
C TYR A 362 -10.12 -16.05 11.29
N LYS A 363 -11.16 -16.13 10.45
CA LYS A 363 -11.13 -16.94 9.24
C LYS A 363 -10.10 -16.41 8.25
N MET A 364 -10.03 -15.08 8.10
CA MET A 364 -9.03 -14.46 7.23
C MET A 364 -7.63 -14.93 7.64
N LEU A 365 -7.30 -14.72 8.91
CA LEU A 365 -5.94 -14.99 9.38
C LEU A 365 -5.57 -16.45 9.41
N THR A 366 -6.56 -17.32 9.59
CA THR A 366 -6.27 -18.74 9.85
C THR A 366 -6.66 -19.66 8.70
N GLU A 367 -7.67 -19.29 7.90
CA GLU A 367 -8.14 -20.17 6.83
C GLU A 367 -7.79 -19.66 5.46
N ILE A 368 -7.83 -18.36 5.29
CA ILE A 368 -7.58 -17.79 3.96
C ILE A 368 -6.08 -17.57 3.71
N TYR A 369 -5.36 -17.02 4.69
CA TYR A 369 -3.91 -16.83 4.61
C TYR A 369 -3.22 -18.17 4.92
N THR A 370 -2.91 -18.93 3.86
CA THR A 370 -2.19 -20.20 4.00
C THR A 370 -1.18 -20.34 2.87
N GLU A 371 -0.15 -21.15 3.14
CA GLU A 371 0.86 -21.44 2.15
C GLU A 371 0.18 -22.01 0.92
N ASP A 372 -0.76 -22.92 1.10
CA ASP A 372 -1.44 -23.56 -0.04
C ASP A 372 -2.07 -22.50 -0.95
N ASN A 373 -2.75 -21.52 -0.36
CA ASN A 373 -3.39 -20.46 -1.15
C ASN A 373 -2.41 -19.58 -1.87
N PHE A 374 -1.25 -19.30 -1.28
CA PHE A 374 -0.22 -18.59 -2.01
C PHE A 374 0.32 -19.40 -3.16
N VAL A 375 0.52 -20.70 -2.94
CA VAL A 375 0.92 -21.59 -4.05
C VAL A 375 -0.04 -21.49 -5.23
N LYS A 376 -1.33 -21.53 -4.96
CA LYS A 376 -2.36 -21.40 -6.01
C LYS A 376 -2.25 -20.05 -6.74
N PHE A 377 -2.08 -18.96 -6.00
CA PHE A 377 -1.92 -17.64 -6.59
C PHE A 377 -0.63 -17.49 -7.42
N PHE A 378 0.47 -17.98 -6.89
CA PHE A 378 1.74 -17.90 -7.63
C PHE A 378 1.80 -18.84 -8.82
N LYS A 379 1.00 -19.89 -8.76
CA LYS A 379 0.97 -20.94 -9.78
C LYS A 379 2.35 -21.57 -9.91
N VAL A 380 2.93 -21.90 -8.75
CA VAL A 380 4.24 -22.53 -8.70
C VAL A 380 4.12 -23.96 -8.16
N LEU A 381 5.20 -24.71 -8.23
CA LEU A 381 5.22 -26.07 -7.69
C LEU A 381 5.59 -26.02 -6.22
N ASN A 382 4.88 -26.79 -5.40
CA ASN A 382 5.20 -26.92 -3.99
C ASN A 382 4.90 -28.33 -3.49
N ARG A 383 5.56 -28.72 -2.40
CA ARG A 383 5.35 -30.06 -1.83
C ARG A 383 3.91 -30.11 -1.41
N LYS A 384 3.34 -31.30 -1.31
CA LYS A 384 1.87 -31.41 -1.16
C LYS A 384 1.44 -31.61 0.29
N THR A 385 2.40 -31.72 1.20
CA THR A 385 2.13 -31.79 2.63
C THR A 385 3.39 -31.31 3.39
N TYR A 386 3.19 -30.76 4.58
CA TYR A 386 4.22 -30.05 5.30
C TYR A 386 5.54 -30.82 5.47
N LEU A 387 5.48 -32.07 5.86
CA LEU A 387 6.72 -32.84 6.09
C LEU A 387 7.42 -33.42 4.84
N ASN A 388 6.77 -33.37 3.66
CA ASN A 388 7.24 -34.09 2.46
C ASN A 388 8.35 -33.32 1.73
N PHE A 389 9.39 -32.92 2.43
CA PHE A 389 10.51 -32.22 1.80
C PHE A 389 11.76 -33.08 1.76
N ASP A 390 12.69 -32.69 0.90
CA ASP A 390 13.98 -33.39 0.73
C ASP A 390 14.97 -32.92 1.77
N LYS A 391 16.00 -33.69 2.01
CA LYS A 391 17.11 -33.19 2.77
C LYS A 391 18.18 -32.71 1.77
N ALA A 392 17.79 -31.67 1.06
CA ALA A 392 18.53 -31.05 -0.03
C ALA A 392 18.49 -29.53 0.21
N VAL A 393 19.66 -28.88 0.22
CA VAL A 393 19.71 -27.42 0.42
C VAL A 393 20.50 -26.78 -0.69
N PHE A 394 20.04 -25.62 -1.16
CA PHE A 394 20.59 -25.00 -2.34
C PHE A 394 20.89 -23.53 -2.07
N LYS A 395 22.00 -23.06 -2.59
CA LYS A 395 22.29 -21.63 -2.71
C LYS A 395 21.61 -21.15 -3.98
N ILE A 396 20.94 -20.01 -3.87
CA ILE A 396 20.22 -19.36 -4.98
C ILE A 396 20.58 -17.88 -5.04
N ASN A 397 20.32 -17.26 -6.19
CA ASN A 397 20.34 -15.78 -6.29
C ASN A 397 19.17 -15.26 -7.09
N ILE A 398 18.21 -14.72 -6.36
CA ILE A 398 16.92 -14.32 -6.87
C ILE A 398 16.89 -12.87 -7.37
N VAL A 399 17.97 -12.13 -7.11
CA VAL A 399 17.99 -10.71 -7.35
C VAL A 399 18.06 -10.39 -8.84
N PRO A 400 18.95 -11.06 -9.61
CA PRO A 400 18.92 -10.79 -11.05
C PRO A 400 17.62 -11.26 -11.70
N LYS A 401 17.03 -10.35 -12.47
CA LYS A 401 15.79 -10.55 -13.18
C LYS A 401 15.90 -11.69 -14.21
N VAL A 402 17.11 -11.95 -14.70
CA VAL A 402 17.37 -13.12 -15.56
C VAL A 402 17.29 -14.45 -14.79
N ASN A 403 17.26 -14.40 -13.45
CA ASN A 403 17.16 -15.60 -12.60
C ASN A 403 15.75 -15.85 -12.05
N TYR A 404 15.04 -14.76 -11.75
CA TYR A 404 13.80 -14.83 -10.99
C TYR A 404 13.05 -13.52 -11.14
N THR A 405 11.76 -13.57 -11.41
CA THR A 405 10.96 -12.37 -11.53
C THR A 405 9.80 -12.32 -10.52
N ILE A 406 9.33 -11.11 -10.29
CA ILE A 406 8.19 -10.86 -9.41
C ILE A 406 6.93 -11.57 -9.91
N TYR A 407 6.70 -11.60 -11.22
CA TYR A 407 5.54 -12.33 -11.72
C TYR A 407 5.72 -13.85 -11.89
N ASP A 408 6.92 -14.35 -12.20
CA ASP A 408 7.03 -15.79 -12.55
C ASP A 408 7.86 -16.65 -11.66
N GLY A 409 8.51 -16.05 -10.67
CA GLY A 409 9.52 -16.73 -9.90
C GLY A 409 10.64 -17.20 -10.81
N PHE A 410 11.07 -18.45 -10.63
CA PHE A 410 12.09 -19.08 -11.47
C PHE A 410 11.55 -19.54 -12.86
N ASN A 411 10.23 -19.68 -12.99
CA ASN A 411 9.55 -20.22 -14.17
C ASN A 411 9.28 -19.16 -15.27
N LEU A 412 10.36 -18.58 -15.74
CA LEU A 412 10.30 -17.41 -16.59
C LEU A 412 9.52 -17.66 -17.90
N ARG A 413 8.47 -16.87 -18.14
CA ARG A 413 7.61 -16.98 -19.30
C ARG A 413 8.41 -16.81 -20.55
N ASN A 414 7.98 -17.50 -21.60
CA ASN A 414 8.60 -17.42 -22.92
C ASN A 414 10.01 -18.02 -22.96
N THR A 415 10.23 -19.06 -22.16
CA THR A 415 11.48 -19.79 -22.11
C THR A 415 11.15 -21.25 -21.85
N ASN A 416 12.17 -22.08 -21.88
CA ASN A 416 12.03 -23.48 -21.52
C ASN A 416 11.59 -23.68 -20.06
N LEU A 417 11.78 -22.65 -19.25
CA LEU A 417 11.49 -22.71 -17.81
C LEU A 417 10.02 -22.46 -17.45
N ALA A 418 9.23 -21.99 -18.42
CA ALA A 418 7.79 -21.77 -18.19
C ALA A 418 7.01 -23.09 -18.19
N ALA A 419 7.60 -24.12 -18.79
CA ALA A 419 6.95 -25.42 -18.99
C ALA A 419 7.31 -26.39 -17.87
N ASN A 420 6.29 -27.00 -17.26
CA ASN A 420 6.45 -28.15 -16.36
C ASN A 420 7.25 -27.76 -15.11
N PHE A 421 7.09 -26.51 -14.71
CA PHE A 421 7.85 -25.92 -13.61
C PHE A 421 9.37 -26.16 -13.77
N ASN A 422 9.86 -26.06 -14.99
CA ASN A 422 11.27 -26.34 -15.26
C ASN A 422 12.23 -25.36 -14.55
N GLY A 423 11.78 -24.14 -14.25
CA GLY A 423 12.65 -23.21 -13.55
C GLY A 423 12.94 -23.64 -12.13
N GLN A 424 11.99 -24.35 -11.50
CA GLN A 424 12.15 -24.92 -10.15
C GLN A 424 12.78 -26.31 -10.16
N ASN A 425 12.94 -26.90 -11.34
CA ASN A 425 13.56 -28.20 -11.50
C ASN A 425 15.08 -27.97 -11.40
N THR A 426 15.72 -28.54 -10.39
CA THR A 426 17.12 -28.24 -10.07
C THR A 426 18.12 -28.88 -11.04
N GLU A 427 17.62 -29.74 -11.92
CA GLU A 427 18.43 -30.41 -12.95
C GLU A 427 18.39 -29.58 -14.21
N ILE A 428 17.18 -29.19 -14.61
CA ILE A 428 16.96 -28.43 -15.83
C ILE A 428 17.48 -27.02 -15.62
N ASN A 429 17.01 -26.35 -14.56
CA ASN A 429 17.51 -25.01 -14.24
C ASN A 429 18.73 -25.05 -13.31
N ASN A 430 19.70 -25.92 -13.60
CA ASN A 430 20.81 -26.13 -12.69
C ASN A 430 21.65 -24.87 -12.37
N MET A 431 21.69 -23.92 -13.29
CA MET A 431 22.47 -22.69 -13.08
C MET A 431 21.95 -21.81 -11.92
N ASN A 432 20.68 -22.02 -11.56
CA ASN A 432 20.06 -21.26 -10.48
C ASN A 432 20.08 -21.95 -9.11
N PHE A 433 20.54 -23.21 -9.05
CA PHE A 433 20.57 -23.95 -7.79
C PHE A 433 21.91 -24.66 -7.60
N THR A 434 22.67 -24.28 -6.57
CA THR A 434 23.91 -25.00 -6.24
C THR A 434 23.65 -25.83 -5.01
N LYS A 435 23.69 -27.15 -5.17
CA LYS A 435 23.40 -28.09 -4.08
C LYS A 435 24.51 -28.04 -3.04
N LEU A 436 24.11 -27.77 -1.80
CA LEU A 436 25.04 -27.67 -0.69
C LEU A 436 25.17 -29.00 0.05
N LYS A 437 26.29 -29.20 0.71
CA LYS A 437 26.48 -30.41 1.51
C LYS A 437 25.81 -30.20 2.87
N ASN A 438 25.03 -31.18 3.32
CA ASN A 438 24.25 -31.05 4.56
C ASN A 438 25.13 -31.17 5.80
N SER B 11 -24.76 -0.25 6.30
CA SER B 11 -23.67 -1.18 5.87
C SER B 11 -22.94 -0.71 4.55
N SER B 12 -21.68 -0.25 4.68
CA SER B 12 -20.95 0.45 3.59
C SER B 12 -20.11 -0.44 2.66
N GLY B 13 -19.74 -1.62 3.12
CA GLY B 13 -18.92 -2.51 2.30
C GLY B 13 -17.51 -2.00 2.07
N LEU B 14 -16.90 -1.38 3.10
CA LEU B 14 -15.58 -0.79 2.92
C LEU B 14 -14.46 -1.84 2.83
N VAL B 15 -14.72 -3.05 3.32
CA VAL B 15 -13.67 -4.09 3.27
C VAL B 15 -14.25 -5.39 2.74
N PRO B 16 -14.49 -5.46 1.42
CA PRO B 16 -15.07 -6.69 0.87
C PRO B 16 -14.11 -7.88 0.90
N ARG B 17 -12.80 -7.63 0.88
CA ARG B 17 -11.80 -8.69 0.89
C ARG B 17 -10.70 -8.37 1.91
N GLY B 18 -10.41 -9.33 2.77
CA GLY B 18 -9.41 -9.16 3.82
C GLY B 18 -10.03 -8.59 5.08
N SER B 19 -9.18 -8.11 5.98
CA SER B 19 -9.57 -7.62 7.30
C SER B 19 -9.68 -6.12 7.39
N HIS B 20 -8.86 -5.42 6.61
CA HIS B 20 -8.81 -3.97 6.62
C HIS B 20 -8.70 -3.41 5.19
N MET B 21 -9.08 -2.15 5.03
CA MET B 21 -8.86 -1.39 3.81
C MET B 21 -7.36 -1.36 3.46
N GLN B 22 -7.11 -1.36 2.25
CA GLN B 22 -5.76 -1.56 1.75
C GLN B 22 -5.09 -0.24 1.40
N PHE B 23 -5.72 0.83 1.07
CA PHE B 23 -5.11 2.11 0.77
C PHE B 23 -5.45 3.12 1.86
N VAL B 24 -6.72 3.22 2.19
CA VAL B 24 -7.15 4.22 3.17
C VAL B 24 -6.82 3.69 4.56
N ASN B 25 -6.17 4.51 5.38
CA ASN B 25 -5.59 4.03 6.66
C ASN B 25 -6.57 3.73 7.80
N LYS B 26 -7.70 4.44 7.85
CA LYS B 26 -8.70 4.29 8.92
C LYS B 26 -10.09 4.44 8.35
N GLN B 27 -11.07 3.80 9.01
CA GLN B 27 -12.50 4.11 8.76
C GLN B 27 -12.91 5.29 9.64
N PHE B 28 -12.67 6.49 9.13
CA PHE B 28 -13.00 7.73 9.81
C PHE B 28 -14.53 7.96 9.87
N ASN B 29 -14.97 8.53 10.98
CA ASN B 29 -16.27 9.20 11.04
C ASN B 29 -15.98 10.69 11.16
N TYR B 30 -16.82 11.52 10.56
CA TYR B 30 -16.59 12.96 10.63
C TYR B 30 -16.53 13.46 12.07
N LYS B 31 -17.35 12.86 12.93
CA LYS B 31 -17.42 13.24 14.36
C LYS B 31 -16.18 12.85 15.16
N ASP B 32 -15.24 12.13 14.55
CA ASP B 32 -14.08 11.65 15.29
C ASP B 32 -13.25 12.82 15.83
N PRO B 33 -12.80 12.74 17.10
CA PRO B 33 -12.00 13.81 17.67
C PRO B 33 -10.71 14.11 16.93
N VAL B 34 -10.39 15.39 16.80
CA VAL B 34 -9.14 15.81 16.20
C VAL B 34 -7.93 15.37 17.06
N ASN B 35 -6.81 15.05 16.42
CA ASN B 35 -5.65 14.50 17.16
C ASN B 35 -4.34 15.12 16.69
N GLY B 36 -4.40 15.91 15.62
CA GLY B 36 -3.22 16.53 15.07
C GLY B 36 -2.31 15.59 14.29
N VAL B 37 -2.75 14.32 14.12
CA VAL B 37 -1.98 13.27 13.44
C VAL B 37 -2.66 12.89 12.14
N ASP B 38 -3.80 12.21 12.20
CA ASP B 38 -4.60 11.89 11.01
C ASP B 38 -6.00 12.53 10.98
N ILE B 39 -6.33 13.26 12.04
CA ILE B 39 -7.49 14.14 12.06
C ILE B 39 -7.02 15.45 12.71
N ALA B 40 -7.18 16.54 11.97
CA ALA B 40 -6.80 17.86 12.46
C ALA B 40 -7.59 18.98 11.77
N TYR B 41 -7.66 20.11 12.47
CA TYR B 41 -7.98 21.36 11.80
C TYR B 41 -6.71 21.78 11.08
N ILE B 42 -6.88 22.25 9.85
CA ILE B 42 -5.73 22.61 9.00
C ILE B 42 -5.97 23.95 8.31
N LYS B 43 -4.89 24.61 7.92
CA LYS B 43 -4.99 25.80 7.09
C LYS B 43 -4.04 25.69 5.92
N ILE B 44 -4.48 26.21 4.78
CA ILE B 44 -3.67 26.22 3.58
C ILE B 44 -2.78 27.47 3.63
N PRO B 45 -1.44 27.30 3.57
CA PRO B 45 -0.54 28.45 3.41
C PRO B 45 -0.67 29.13 2.03
N ASN B 46 -1.89 29.53 1.66
CA ASN B 46 -2.16 30.20 0.38
C ASN B 46 -2.75 31.58 0.59
N GLN B 49 -6.78 35.01 4.20
CA GLN B 49 -6.51 34.18 5.37
C GLN B 49 -7.78 33.43 5.78
N MET B 50 -7.78 32.13 5.53
CA MET B 50 -8.89 31.24 5.88
C MET B 50 -8.87 30.91 7.38
N GLN B 51 -10.05 30.62 7.94
CA GLN B 51 -10.15 30.01 9.24
C GLN B 51 -9.94 28.51 9.01
N PRO B 52 -9.49 27.77 10.05
CA PRO B 52 -9.19 26.36 9.80
C PRO B 52 -10.41 25.51 9.51
N VAL B 53 -10.19 24.48 8.71
CA VAL B 53 -11.19 23.48 8.39
C VAL B 53 -10.72 22.11 8.86
N LYS B 54 -11.68 21.28 9.28
CA LYS B 54 -11.39 19.90 9.68
C LYS B 54 -11.00 19.01 8.53
N ALA B 55 -9.93 18.24 8.71
CA ALA B 55 -9.42 17.39 7.62
C ALA B 55 -8.92 16.03 8.07
N PHE B 56 -8.83 15.07 7.13
CA PHE B 56 -8.56 13.70 7.49
C PHE B 56 -7.51 13.17 6.59
N LYS B 57 -6.49 12.53 7.20
CA LYS B 57 -5.34 12.04 6.47
C LYS B 57 -5.60 10.59 6.13
N ILE B 58 -5.98 10.36 4.88
CA ILE B 58 -6.34 9.00 4.45
C ILE B 58 -5.16 8.09 4.09
N HIS B 59 -4.00 8.67 3.80
CA HIS B 59 -2.81 7.93 3.41
C HIS B 59 -1.63 8.87 3.55
N ASN B 60 -0.42 8.34 3.58
CA ASN B 60 0.79 9.18 3.42
C ASN B 60 0.54 10.17 2.28
N LYS B 61 0.74 11.46 2.56
CA LYS B 61 0.75 12.51 1.57
C LYS B 61 -0.61 12.90 0.98
N ILE B 62 -1.71 12.40 1.56
CA ILE B 62 -3.09 12.58 0.99
C ILE B 62 -4.09 12.88 2.10
N TRP B 63 -4.74 14.03 2.00
CA TRP B 63 -5.72 14.47 3.00
C TRP B 63 -7.08 14.71 2.34
N VAL B 64 -8.18 14.58 3.11
CA VAL B 64 -9.51 14.88 2.58
C VAL B 64 -10.11 15.98 3.41
N ILE B 65 -10.68 16.98 2.74
CA ILE B 65 -11.36 18.10 3.40
C ILE B 65 -12.81 18.08 2.94
N PRO B 66 -13.72 17.60 3.79
CA PRO B 66 -15.13 17.56 3.43
C PRO B 66 -15.81 18.90 3.53
N GLU B 67 -15.37 19.84 2.70
CA GLU B 67 -15.89 21.20 2.71
C GLU B 67 -16.04 21.62 1.26
N ARG B 68 -16.97 22.52 0.99
CA ARG B 68 -17.00 23.17 -0.29
C ARG B 68 -15.73 24.00 -0.39
N ASP B 69 -15.13 24.04 -1.59
CA ASP B 69 -13.92 24.84 -1.81
C ASP B 69 -14.21 26.32 -2.07
N THR B 70 -14.26 27.04 -0.96
CA THR B 70 -14.24 28.46 -0.96
C THR B 70 -12.85 29.00 -0.63
N PHE B 71 -11.79 28.20 -0.82
CA PHE B 71 -10.45 28.57 -0.31
C PHE B 71 -9.38 28.78 -1.36
N THR B 72 -9.37 27.91 -2.35
CA THR B 72 -8.28 27.81 -3.32
C THR B 72 -8.25 28.91 -4.39
N ASN B 73 -9.41 29.49 -4.69
CA ASN B 73 -9.50 30.63 -5.59
C ASN B 73 -10.13 31.82 -4.85
N PRO B 74 -9.38 32.95 -4.74
CA PRO B 74 -9.89 34.15 -4.07
C PRO B 74 -11.17 34.68 -4.71
N GLU B 75 -11.26 34.63 -6.04
CA GLU B 75 -12.45 35.10 -6.77
C GLU B 75 -13.64 34.14 -6.61
N GLU B 76 -13.44 33.03 -5.90
CA GLU B 76 -14.51 32.09 -5.60
C GLU B 76 -14.58 31.82 -4.09
N GLY B 77 -15.20 32.74 -3.33
CA GLY B 77 -15.37 32.57 -1.88
C GLY B 77 -16.82 32.34 -1.45
N ASP B 78 -17.70 32.11 -2.42
CA ASP B 78 -19.14 31.90 -2.16
C ASP B 78 -19.74 30.86 -3.12
N LEU B 79 -20.90 30.32 -2.76
CA LEU B 79 -21.48 29.17 -3.45
C LEU B 79 -22.74 29.49 -4.24
N ASN B 80 -22.97 30.77 -4.50
CA ASN B 80 -24.12 31.19 -5.28
C ASN B 80 -23.75 31.28 -6.77
N PRO B 81 -24.72 31.05 -7.66
CA PRO B 81 -24.50 31.07 -9.11
C PRO B 81 -24.25 32.48 -9.66
N PRO B 82 -23.35 32.61 -10.66
CA PRO B 82 -23.25 33.88 -11.37
C PRO B 82 -24.23 33.95 -12.55
N VAL B 90 -24.16 22.79 -18.95
CA VAL B 90 -24.17 21.74 -17.93
C VAL B 90 -23.50 22.13 -16.58
N SER B 91 -24.30 22.70 -15.68
CA SER B 91 -23.82 23.09 -14.35
C SER B 91 -24.88 22.86 -13.25
N TYR B 92 -24.45 22.75 -12.01
CA TYR B 92 -25.40 22.54 -10.94
C TYR B 92 -25.02 23.28 -9.65
N TYR B 93 -26.00 24.02 -9.12
CA TYR B 93 -25.81 24.89 -7.98
C TYR B 93 -26.71 24.48 -6.83
N ASP B 94 -26.10 24.32 -5.66
CA ASP B 94 -26.86 24.23 -4.43
C ASP B 94 -25.98 24.71 -3.29
N SER B 95 -26.26 25.88 -2.74
CA SER B 95 -25.40 26.44 -1.69
C SER B 95 -25.51 25.65 -0.38
N THR B 96 -26.54 24.82 -0.27
CA THR B 96 -26.77 23.98 0.90
C THR B 96 -25.93 22.71 0.95
N TYR B 97 -25.53 22.22 -0.23
CA TYR B 97 -24.76 21.00 -0.29
C TYR B 97 -23.45 21.03 0.53
N LEU B 98 -23.25 20.00 1.33
CA LEU B 98 -22.02 19.79 2.12
C LEU B 98 -21.87 20.83 3.25
N SER B 99 -23.00 21.21 3.85
CA SER B 99 -23.06 22.19 4.95
C SER B 99 -23.29 21.56 6.33
N THR B 100 -23.63 20.28 6.37
CA THR B 100 -23.90 19.58 7.63
C THR B 100 -22.88 18.47 7.90
N ASP B 101 -22.67 18.20 9.19
CA ASP B 101 -21.79 17.14 9.66
C ASP B 101 -22.15 15.79 9.04
N ASN B 102 -23.44 15.44 8.99
CA ASN B 102 -23.85 14.17 8.36
C ASN B 102 -23.49 14.09 6.87
N GLU B 103 -23.61 15.21 6.17
CA GLU B 103 -23.18 15.24 4.77
C GLU B 103 -21.70 15.03 4.67
N LYS B 104 -20.94 15.66 5.55
CA LYS B 104 -19.48 15.60 5.51
C LYS B 104 -19.00 14.20 5.87
N ASP B 105 -19.74 13.54 6.77
CA ASP B 105 -19.48 12.14 7.09
C ASP B 105 -19.73 11.24 5.86
N ASN B 106 -20.85 11.46 5.16
CA ASN B 106 -21.15 10.65 3.97
C ASN B 106 -20.15 10.89 2.82
N TYR B 107 -19.68 12.13 2.72
CA TYR B 107 -18.70 12.57 1.73
C TYR B 107 -17.39 11.83 1.97
N LEU B 108 -16.98 11.86 3.23
CA LEU B 108 -15.74 11.19 3.68
C LEU B 108 -15.76 9.70 3.37
N LYS B 109 -16.88 9.06 3.66
CA LYS B 109 -17.03 7.63 3.42
C LYS B 109 -17.12 7.28 1.94
N GLY B 110 -17.74 8.14 1.14
CA GLY B 110 -17.81 7.97 -0.32
C GLY B 110 -16.47 8.10 -0.96
N VAL B 111 -15.70 9.11 -0.56
CA VAL B 111 -14.35 9.27 -1.10
C VAL B 111 -13.47 8.10 -0.69
N THR B 112 -13.56 7.69 0.57
CA THR B 112 -12.85 6.51 1.05
C THR B 112 -13.14 5.32 0.18
N LYS B 113 -14.43 5.09 -0.03
CA LYS B 113 -14.88 3.96 -0.83
C LYS B 113 -14.35 3.98 -2.26
N LEU B 114 -14.31 5.17 -2.85
CA LEU B 114 -13.79 5.32 -4.21
C LEU B 114 -12.29 5.13 -4.29
N PHE B 115 -11.55 5.54 -3.27
CA PHE B 115 -10.11 5.26 -3.28
C PHE B 115 -9.89 3.74 -3.21
N GLU B 116 -10.70 3.04 -2.40
CA GLU B 116 -10.57 1.58 -2.29
C GLU B 116 -10.94 0.90 -3.60
N ARG B 117 -11.95 1.43 -4.26
CA ARG B 117 -12.33 0.94 -5.57
C ARG B 117 -11.20 1.14 -6.58
N ILE B 118 -10.59 2.32 -6.60
CA ILE B 118 -9.46 2.57 -7.53
C ILE B 118 -8.31 1.59 -7.24
N TYR B 119 -7.96 1.49 -5.97
CA TYR B 119 -6.86 0.61 -5.49
C TYR B 119 -7.15 -0.89 -5.69
N SER B 120 -8.43 -1.23 -5.95
CA SER B 120 -8.81 -2.60 -6.20
C SER B 120 -8.36 -3.07 -7.58
N THR B 121 -7.93 -2.13 -8.43
CA THR B 121 -7.44 -2.44 -9.76
C THR B 121 -5.94 -2.27 -9.83
N ASP B 122 -5.28 -3.06 -10.66
CA ASP B 122 -3.84 -2.89 -10.79
C ASP B 122 -3.47 -1.47 -11.26
N LEU B 123 -4.25 -0.92 -12.19
CA LEU B 123 -3.93 0.40 -12.76
C LEU B 123 -4.02 1.43 -11.67
N GLY B 124 -4.99 1.28 -10.76
CA GLY B 124 -5.13 2.21 -9.66
C GLY B 124 -4.06 2.09 -8.60
N ARG B 125 -3.57 0.87 -8.32
CA ARG B 125 -2.44 0.76 -7.42
C ARG B 125 -1.18 1.38 -8.06
N MET B 126 -1.00 1.19 -9.37
CA MET B 126 0.10 1.83 -10.06
C MET B 126 0.03 3.37 -9.95
N LEU B 127 -1.09 3.95 -10.38
CA LEU B 127 -1.32 5.41 -10.28
C LEU B 127 -1.18 5.97 -8.86
N LEU B 128 -1.82 5.35 -7.88
CA LEU B 128 -1.79 5.88 -6.54
C LEU B 128 -0.37 5.81 -5.94
N THR B 129 0.36 4.75 -6.25
CA THR B 129 1.75 4.64 -5.87
C THR B 129 2.57 5.80 -6.50
N SER B 130 2.35 6.06 -7.81
CA SER B 130 3.06 7.11 -8.50
C SER B 130 2.78 8.48 -7.86
N ILE B 131 1.53 8.69 -7.49
CA ILE B 131 1.11 9.91 -6.82
C ILE B 131 1.77 10.10 -5.48
N VAL B 132 1.73 9.07 -4.63
CA VAL B 132 2.37 9.16 -3.30
C VAL B 132 3.88 9.38 -3.39
N ARG B 133 4.53 8.77 -4.39
CA ARG B 133 5.98 8.95 -4.54
C ARG B 133 6.37 10.31 -5.12
N GLY B 134 5.39 11.04 -5.65
CA GLY B 134 5.63 12.22 -6.50
C GLY B 134 5.70 13.51 -5.70
N ILE B 135 6.50 13.48 -4.64
CA ILE B 135 6.64 14.60 -3.71
C ILE B 135 7.06 15.85 -4.48
N PRO B 136 6.34 16.98 -4.32
CA PRO B 136 6.81 18.21 -4.96
C PRO B 136 8.24 18.60 -4.63
N PHE B 137 8.99 18.95 -5.67
CA PHE B 137 10.40 19.21 -5.53
C PHE B 137 10.70 20.37 -4.58
N TRP B 138 11.79 20.21 -3.83
CA TRP B 138 12.37 21.27 -2.99
C TRP B 138 13.16 22.25 -3.81
N GLY B 139 12.46 23.08 -4.58
CA GLY B 139 13.13 24.15 -5.38
C GLY B 139 12.82 25.54 -4.88
N GLY B 140 12.68 25.67 -3.58
CA GLY B 140 12.20 26.91 -2.98
C GLY B 140 13.27 27.97 -2.75
N SER B 141 14.53 27.59 -2.85
CA SER B 141 15.68 28.46 -2.51
C SER B 141 16.09 29.35 -3.67
N THR B 142 16.49 30.59 -3.35
CA THR B 142 17.13 31.45 -4.34
C THR B 142 18.67 31.23 -4.33
N ILE B 143 19.15 30.30 -3.50
CA ILE B 143 20.56 29.92 -3.41
C ILE B 143 20.71 28.52 -4.04
N ASP B 144 21.36 28.46 -5.20
CA ASP B 144 21.31 27.27 -6.06
C ASP B 144 22.17 26.08 -5.61
N THR B 145 22.82 26.22 -4.46
CA THR B 145 23.47 25.09 -3.82
C THR B 145 22.67 24.63 -2.61
N GLU B 146 21.49 25.23 -2.40
CA GLU B 146 20.69 24.97 -1.22
C GLU B 146 19.32 24.43 -1.58
N LEU B 147 18.87 23.40 -0.88
CA LEU B 147 17.54 22.83 -1.10
C LEU B 147 16.57 23.35 -0.03
N LYS B 148 15.35 23.67 -0.46
CA LYS B 148 14.37 24.32 0.39
C LYS B 148 12.96 23.97 -0.09
N VAL B 149 12.07 23.69 0.85
CA VAL B 149 10.69 23.36 0.51
C VAL B 149 10.02 24.60 -0.09
N ILE B 150 8.95 24.39 -0.86
CA ILE B 150 8.09 25.51 -1.31
C ILE B 150 6.83 25.55 -0.44
N ASP B 151 6.55 26.70 0.18
CA ASP B 151 5.56 26.79 1.25
C ASP B 151 4.17 26.40 0.78
N THR B 152 3.97 26.56 -0.52
CA THR B 152 2.70 26.26 -1.13
C THR B 152 2.41 24.75 -1.32
N ASN B 153 3.41 23.92 -1.02
CA ASN B 153 3.28 22.48 -1.09
C ASN B 153 3.10 21.85 0.29
N CYS B 154 2.56 22.64 1.23
CA CYS B 154 2.36 22.21 2.60
C CYS B 154 0.96 22.57 3.11
N ILE B 155 0.56 22.00 4.24
CA ILE B 155 -0.54 22.57 5.04
C ILE B 155 -0.04 22.81 6.47
N ASN B 156 -0.76 23.65 7.20
CA ASN B 156 -0.48 23.87 8.62
C ASN B 156 -1.50 23.10 9.40
N VAL B 157 -1.03 22.20 10.25
CA VAL B 157 -1.87 21.20 10.87
C VAL B 157 -1.94 21.56 12.32
N ILE B 158 -3.14 21.84 12.82
CA ILE B 158 -3.26 22.30 14.20
C ILE B 158 -3.21 21.11 15.15
N GLN B 159 -2.48 21.27 16.24
CA GLN B 159 -2.36 20.27 17.31
C GLN B 159 -3.26 20.64 18.49
N PRO B 160 -3.97 19.65 19.09
CA PRO B 160 -4.90 19.94 20.21
C PRO B 160 -4.31 20.79 21.34
N ASP B 161 -2.98 20.85 21.43
CA ASP B 161 -2.31 21.65 22.45
C ASP B 161 -2.08 23.10 22.01
N GLY B 162 -2.56 23.46 20.81
CA GLY B 162 -2.49 24.84 20.32
C GLY B 162 -1.43 25.11 19.26
N SER B 163 -0.37 24.33 19.25
CA SER B 163 0.70 24.48 18.25
C SER B 163 0.21 24.16 16.82
N TYR B 164 1.02 24.61 15.85
CA TYR B 164 0.91 24.34 14.42
C TYR B 164 2.05 23.36 14.08
N ARG B 165 1.85 22.56 13.03
CA ARG B 165 2.93 21.81 12.38
C ARG B 165 2.83 21.95 10.85
N SER B 166 3.89 22.40 10.18
CA SER B 166 3.95 22.43 8.71
C SER B 166 4.11 21.03 8.17
N GLU B 167 3.16 20.57 7.36
CA GLU B 167 3.27 19.22 6.77
C GLU B 167 3.23 19.24 5.24
N GLU B 168 4.24 18.65 4.62
CA GLU B 168 4.26 18.51 3.16
C GLU B 168 3.21 17.49 2.78
N LEU B 169 2.47 17.74 1.71
CA LEU B 169 1.55 16.75 1.19
C LEU B 169 1.55 16.82 -0.33
N ASN B 170 1.05 15.77 -0.97
CA ASN B 170 0.98 15.70 -2.42
C ASN B 170 -0.41 16.02 -2.98
N LEU B 171 -1.44 15.68 -2.19
CA LEU B 171 -2.83 15.66 -2.70
C LEU B 171 -3.85 15.96 -1.62
N VAL B 172 -4.80 16.80 -1.97
CA VAL B 172 -5.92 17.10 -1.12
C VAL B 172 -7.17 16.87 -1.96
N ILE B 173 -8.12 16.10 -1.44
CA ILE B 173 -9.47 16.03 -2.09
C ILE B 173 -10.39 16.92 -1.30
N ILE B 174 -11.08 17.82 -2.00
CA ILE B 174 -11.88 18.81 -1.34
C ILE B 174 -13.20 18.86 -2.13
N GLY B 175 -14.24 19.36 -1.47
CA GLY B 175 -15.54 19.55 -2.10
C GLY B 175 -15.56 20.58 -3.21
N PRO B 176 -16.57 20.51 -4.09
CA PRO B 176 -16.63 21.49 -5.14
C PRO B 176 -16.94 22.91 -4.65
N SER B 177 -16.64 23.90 -5.50
CA SER B 177 -16.94 25.28 -5.21
C SER B 177 -18.39 25.49 -5.63
N ALA B 178 -18.76 26.68 -6.08
CA ALA B 178 -20.17 26.94 -6.44
C ALA B 178 -20.81 25.87 -7.36
N ASP B 179 -20.17 25.58 -8.49
CA ASP B 179 -20.70 24.62 -9.44
C ASP B 179 -20.33 23.22 -8.97
N ILE B 180 -21.32 22.51 -8.44
CA ILE B 180 -21.16 21.22 -7.81
C ILE B 180 -20.57 20.16 -8.74
N ILE B 181 -20.90 20.19 -10.03
CA ILE B 181 -20.43 19.13 -10.93
C ILE B 181 -19.14 19.46 -11.65
N GLN B 182 -18.65 20.68 -11.47
CA GLN B 182 -17.35 21.07 -11.99
C GLN B 182 -16.23 20.43 -11.17
N PHE B 183 -15.79 19.26 -11.58
CA PHE B 183 -14.62 18.65 -10.96
C PHE B 183 -13.38 19.15 -11.65
N GLU B 184 -12.28 19.22 -10.89
CA GLU B 184 -11.03 19.75 -11.42
C GLU B 184 -9.85 19.49 -10.47
N CYS B 185 -8.66 19.50 -11.05
CA CYS B 185 -7.43 19.36 -10.31
C CYS B 185 -6.68 20.66 -10.52
N LYS B 186 -6.40 21.35 -9.41
CA LYS B 186 -5.76 22.66 -9.41
C LYS B 186 -4.71 22.77 -8.29
N SER B 187 -3.95 23.86 -8.29
CA SER B 187 -2.84 24.01 -7.35
C SER B 187 -2.36 25.44 -7.30
N PHE B 188 -1.58 25.73 -6.26
CA PHE B 188 -1.08 27.05 -6.03
C PHE B 188 0.19 27.27 -6.84
N GLY B 189 0.22 28.41 -7.52
CA GLY B 189 1.33 28.78 -8.38
C GLY B 189 2.44 29.42 -7.59
N HIS B 190 3.58 29.55 -8.24
CA HIS B 190 4.75 30.23 -7.70
C HIS B 190 4.92 31.49 -8.51
N GLU B 191 5.57 32.51 -7.94
CA GLU B 191 5.64 33.83 -8.57
C GLU B 191 6.46 33.77 -9.86
N VAL B 192 7.47 32.91 -9.87
CA VAL B 192 8.35 32.79 -11.03
C VAL B 192 8.36 31.40 -11.65
N LEU B 193 8.23 30.38 -10.80
CA LEU B 193 8.37 29.00 -11.22
C LEU B 193 7.03 28.50 -11.76
N ASN B 194 7.08 27.68 -12.82
CA ASN B 194 5.88 27.05 -13.36
C ASN B 194 5.91 25.59 -12.94
N LEU B 195 5.49 25.36 -11.71
CA LEU B 195 5.70 24.10 -11.00
C LEU B 195 5.01 22.91 -11.64
N THR B 196 3.89 23.11 -12.32
CA THR B 196 3.23 22.01 -13.03
C THR B 196 3.81 21.75 -14.42
N ARG B 197 4.78 22.58 -14.84
CA ARG B 197 5.33 22.56 -16.17
C ARG B 197 6.86 22.55 -16.22
N ASN B 198 7.52 22.39 -15.08
CA ASN B 198 8.99 22.43 -15.06
C ASN B 198 9.61 21.23 -14.37
N GLY B 199 8.80 20.18 -14.21
CA GLY B 199 9.24 18.94 -13.57
C GLY B 199 9.17 18.88 -12.05
N TYR B 200 8.99 20.03 -11.38
CA TYR B 200 9.05 20.11 -9.91
C TYR B 200 7.81 19.53 -9.30
N GLY B 201 6.66 19.98 -9.81
CA GLY B 201 5.42 19.53 -9.28
C GLY B 201 4.99 20.39 -8.11
N SER B 202 3.72 20.23 -7.73
CA SER B 202 3.14 20.96 -6.61
C SER B 202 1.99 20.19 -6.03
N THR B 203 1.71 20.43 -4.75
CA THR B 203 0.53 19.87 -4.09
C THR B 203 -0.73 20.14 -4.90
N GLN B 204 -1.50 19.08 -5.14
CA GLN B 204 -2.73 19.18 -5.94
C GLN B 204 -4.03 19.12 -5.11
N TYR B 205 -4.95 20.03 -5.44
CA TYR B 205 -6.26 20.09 -4.83
C TYR B 205 -7.26 19.58 -5.88
N ILE B 206 -7.91 18.45 -5.60
CA ILE B 206 -8.98 17.95 -6.46
C ILE B 206 -10.32 18.32 -5.88
N ARG B 207 -11.03 19.19 -6.59
CA ARG B 207 -12.43 19.44 -6.33
C ARG B 207 -13.28 18.31 -6.85
N PHE B 208 -14.01 17.62 -5.97
CA PHE B 208 -14.72 16.39 -6.33
C PHE B 208 -15.84 16.11 -5.36
N SER B 209 -16.95 15.60 -5.85
CA SER B 209 -18.07 15.13 -5.03
C SER B 209 -18.42 13.69 -5.42
N PRO B 210 -18.41 12.76 -4.44
CA PRO B 210 -18.91 11.43 -4.63
C PRO B 210 -20.43 11.39 -4.61
N ASP B 211 -21.12 12.53 -4.46
CA ASP B 211 -22.55 12.53 -4.18
C ASP B 211 -23.43 12.84 -5.37
N PHE B 212 -22.78 13.16 -6.49
CA PHE B 212 -23.43 13.50 -7.74
C PHE B 212 -22.68 12.81 -8.88
N THR B 213 -23.36 12.64 -10.01
CA THR B 213 -22.67 12.26 -11.22
C THR B 213 -23.43 12.81 -12.41
N PHE B 214 -22.88 12.55 -13.59
CA PHE B 214 -23.42 13.12 -14.81
C PHE B 214 -23.68 11.99 -15.78
N GLY B 215 -24.51 12.25 -16.77
CA GLY B 215 -25.01 11.24 -17.71
C GLY B 215 -24.32 11.28 -19.07
N PHE B 216 -24.50 10.19 -19.81
CA PHE B 216 -24.09 10.08 -21.20
C PHE B 216 -25.05 9.11 -21.88
N GLU B 217 -25.13 9.20 -23.21
CA GLU B 217 -26.02 8.39 -24.00
C GLU B 217 -25.19 7.51 -24.93
N GLU B 218 -25.58 6.25 -25.07
CA GLU B 218 -24.94 5.36 -26.06
C GLU B 218 -25.32 5.73 -27.50
N SER B 219 -24.44 5.35 -28.44
CA SER B 219 -24.80 5.36 -29.84
C SER B 219 -26.09 4.57 -30.14
N LEU B 220 -26.76 4.93 -31.24
CA LEU B 220 -27.95 4.21 -31.74
C LEU B 220 -27.68 2.73 -32.09
N GLU B 221 -26.42 2.40 -32.35
CA GLU B 221 -25.96 1.01 -32.29
C GLU B 221 -24.49 0.94 -31.89
N VAL B 222 -23.95 -0.22 -31.55
CA VAL B 222 -23.54 -0.72 -30.21
C VAL B 222 -23.33 -2.20 -30.51
N ASP B 223 -22.31 -2.45 -31.32
CA ASP B 223 -22.17 -3.72 -32.03
C ASP B 223 -21.77 -4.81 -31.03
N THR B 224 -21.15 -4.39 -29.95
CA THR B 224 -20.68 -5.28 -28.90
C THR B 224 -21.77 -5.66 -27.87
N ASN B 225 -22.88 -4.93 -27.89
CA ASN B 225 -24.08 -5.28 -27.14
C ASN B 225 -25.26 -4.46 -27.65
N PRO B 226 -25.98 -4.98 -28.63
CA PRO B 226 -27.05 -4.20 -29.26
C PRO B 226 -28.13 -3.70 -28.29
N LEU B 227 -28.26 -4.31 -27.12
CA LEU B 227 -29.27 -3.94 -26.16
C LEU B 227 -29.00 -2.52 -25.62
N LEU B 228 -27.73 -2.12 -25.63
CA LEU B 228 -27.34 -0.81 -25.10
C LEU B 228 -27.67 0.37 -26.04
N GLY B 229 -28.13 0.08 -27.26
CA GLY B 229 -28.40 1.11 -28.27
C GLY B 229 -29.28 2.23 -27.70
N ALA B 230 -28.74 3.45 -27.69
CA ALA B 230 -29.45 4.65 -27.25
C ALA B 230 -29.81 4.64 -25.77
N GLY B 231 -29.13 3.81 -25.00
CA GLY B 231 -29.39 3.77 -23.59
C GLY B 231 -28.85 5.01 -22.92
N LYS B 232 -29.44 5.36 -21.79
CA LYS B 232 -29.03 6.49 -21.00
C LYS B 232 -28.36 5.95 -19.77
N PHE B 233 -27.09 6.32 -19.61
CA PHE B 233 -26.24 5.83 -18.55
C PHE B 233 -25.64 6.96 -17.72
N ALA B 234 -25.12 6.57 -16.54
CA ALA B 234 -24.47 7.46 -15.59
C ALA B 234 -22.99 7.11 -15.50
N THR B 235 -22.14 8.13 -15.41
CA THR B 235 -20.69 7.91 -15.23
C THR B 235 -20.42 7.36 -13.83
N ASP B 236 -19.62 6.31 -13.74
CA ASP B 236 -19.21 5.78 -12.44
C ASP B 236 -18.26 6.80 -11.80
N PRO B 237 -18.59 7.27 -10.59
CA PRO B 237 -17.74 8.26 -9.96
C PRO B 237 -16.32 7.83 -9.66
N ALA B 238 -16.05 6.52 -9.59
CA ALA B 238 -14.68 6.01 -9.48
C ALA B 238 -13.87 6.39 -10.72
N VAL B 239 -14.53 6.43 -11.86
CA VAL B 239 -13.89 6.82 -13.13
C VAL B 239 -13.61 8.31 -13.14
N THR B 240 -14.52 9.09 -12.59
CA THR B 240 -14.37 10.54 -12.53
C THR B 240 -13.19 10.88 -11.58
N LEU B 241 -13.15 10.25 -10.42
CA LEU B 241 -12.06 10.51 -9.51
C LEU B 241 -10.73 10.10 -10.14
N ALA B 242 -10.70 8.93 -10.77
CA ALA B 242 -9.48 8.49 -11.44
C ALA B 242 -9.00 9.49 -12.52
N HIS B 243 -9.93 10.10 -13.23
CA HIS B 243 -9.58 11.12 -14.22
C HIS B 243 -8.80 12.29 -13.54
N GLU B 244 -9.37 12.79 -12.44
CA GLU B 244 -8.74 13.85 -11.70
C GLU B 244 -7.43 13.42 -11.08
N LEU B 245 -7.32 12.17 -10.63
CA LEU B 245 -6.04 11.64 -10.13
C LEU B 245 -4.99 11.61 -11.23
N ILE B 246 -5.43 11.36 -12.46
CA ILE B 246 -4.51 11.32 -13.62
C ILE B 246 -3.90 12.70 -13.85
N HIS B 247 -4.73 13.73 -13.85
CA HIS B 247 -4.24 15.09 -13.86
C HIS B 247 -3.26 15.32 -12.71
N ALA B 248 -3.61 14.83 -11.52
CA ALA B 248 -2.77 15.01 -10.37
C ALA B 248 -1.37 14.46 -10.64
N GLY B 249 -1.32 13.26 -11.21
CA GLY B 249 -0.09 12.60 -11.57
C GLY B 249 0.75 13.43 -12.54
N HIS B 250 0.09 14.02 -13.55
CA HIS B 250 0.78 14.91 -14.49
C HIS B 250 1.41 16.06 -13.75
N ARG B 251 0.65 16.65 -12.83
CA ARG B 251 1.00 17.94 -12.26
C ARG B 251 2.00 17.76 -11.11
N LEU B 252 1.96 16.62 -10.43
CA LEU B 252 2.94 16.26 -9.36
C LEU B 252 4.35 15.98 -9.91
N TYR B 253 4.43 15.49 -11.15
CA TYR B 253 5.73 15.34 -11.85
C TYR B 253 6.06 16.50 -12.81
N GLY B 254 5.28 17.58 -12.77
CA GLY B 254 5.59 18.80 -13.49
C GLY B 254 5.63 18.66 -15.01
N ILE B 255 4.73 17.84 -15.55
CA ILE B 255 4.71 17.51 -16.97
C ILE B 255 3.31 17.74 -17.59
N ALA B 256 2.60 18.70 -17.01
CA ALA B 256 1.29 19.07 -17.50
C ALA B 256 1.47 19.87 -18.78
N ILE B 257 0.40 19.92 -19.58
CA ILE B 257 0.38 20.69 -20.79
C ILE B 257 -0.43 21.94 -20.46
N ASN B 258 0.13 23.08 -20.81
CA ASN B 258 -0.54 24.37 -20.60
C ASN B 258 -2.00 24.32 -21.10
N PRO B 259 -2.99 24.68 -20.24
CA PRO B 259 -4.42 24.71 -20.62
C PRO B 259 -4.79 25.61 -21.78
N ASN B 260 -3.90 26.51 -22.19
CA ASN B 260 -4.14 27.34 -23.37
C ASN B 260 -3.80 26.62 -24.66
N ARG B 261 -3.22 25.41 -24.55
CA ARG B 261 -2.98 24.54 -25.70
C ARG B 261 -4.21 23.68 -25.97
N VAL B 262 -4.93 24.00 -27.04
CA VAL B 262 -6.26 23.44 -27.25
C VAL B 262 -6.53 22.94 -28.66
N PHE B 263 -7.45 22.00 -28.73
CA PHE B 263 -8.04 21.60 -29.99
C PHE B 263 -9.39 22.32 -30.14
N GLU B 277 -13.47 23.90 -28.31
CA GLU B 277 -12.23 24.03 -27.54
C GLU B 277 -12.11 22.96 -26.48
N VAL B 278 -11.28 21.94 -26.73
CA VAL B 278 -10.87 20.96 -25.69
C VAL B 278 -9.35 21.02 -25.57
N SER B 279 -8.82 21.07 -24.35
CA SER B 279 -7.38 21.17 -24.17
C SER B 279 -6.74 19.82 -24.42
N PHE B 280 -5.51 19.86 -24.90
CA PHE B 280 -4.70 18.67 -25.08
C PHE B 280 -4.54 17.91 -23.73
N GLU B 281 -4.48 18.64 -22.62
CA GLU B 281 -4.38 18.01 -21.30
C GLU B 281 -5.63 17.17 -21.03
N GLU B 282 -6.82 17.67 -21.40
CA GLU B 282 -8.05 16.88 -21.22
C GLU B 282 -8.08 15.69 -22.18
N LEU B 283 -7.73 15.89 -23.44
CA LEU B 283 -7.75 14.79 -24.40
C LEU B 283 -6.75 13.67 -24.03
N ARG B 284 -5.55 14.06 -23.61
CA ARG B 284 -4.54 13.13 -23.09
C ARG B 284 -5.01 12.30 -21.90
N THR B 285 -5.63 12.97 -20.91
CA THR B 285 -6.08 12.36 -19.69
C THR B 285 -7.27 11.41 -19.97
N PHE B 286 -8.16 11.79 -20.89
CA PHE B 286 -9.29 10.95 -21.26
C PHE B 286 -8.82 9.70 -22.00
N GLY B 287 -7.94 9.89 -23.01
CA GLY B 287 -7.32 8.76 -23.69
C GLY B 287 -8.22 8.17 -24.76
N GLY B 288 -8.00 6.90 -25.08
CA GLY B 288 -8.80 6.23 -26.08
C GLY B 288 -8.70 6.85 -27.45
N HIS B 289 -9.79 6.78 -28.21
CA HIS B 289 -9.81 7.36 -29.56
C HIS B 289 -9.42 8.83 -29.58
N ASP B 290 -10.02 9.62 -28.71
CA ASP B 290 -9.68 11.04 -28.48
C ASP B 290 -8.18 11.40 -28.42
N ALA B 291 -7.35 10.47 -27.94
CA ALA B 291 -5.92 10.74 -27.79
C ALA B 291 -5.21 10.91 -29.13
N LYS B 292 -5.95 10.99 -30.24
CA LYS B 292 -5.36 11.10 -31.56
C LYS B 292 -5.54 12.49 -32.18
N PHE B 293 -6.31 13.37 -31.52
CA PHE B 293 -6.46 14.76 -31.96
C PHE B 293 -5.41 15.69 -31.32
N ILE B 294 -4.54 15.11 -30.48
CA ILE B 294 -3.36 15.80 -29.97
C ILE B 294 -2.34 15.84 -31.10
N ASP B 295 -1.88 17.04 -31.46
CA ASP B 295 -0.90 17.19 -32.54
C ASP B 295 0.36 16.42 -32.17
N SER B 296 0.76 15.51 -33.05
CA SER B 296 1.91 14.62 -32.82
C SER B 296 3.20 15.39 -32.55
N LEU B 297 3.47 16.39 -33.38
CA LEU B 297 4.69 17.18 -33.27
C LEU B 297 4.71 18.06 -32.01
N GLN B 298 3.54 18.52 -31.58
CA GLN B 298 3.42 19.18 -30.27
C GLN B 298 3.69 18.17 -29.18
N GLU B 299 3.09 16.98 -29.29
CA GLU B 299 3.19 15.91 -28.30
C GLU B 299 4.63 15.52 -27.91
N ASN B 300 5.41 15.02 -28.87
CA ASN B 300 6.76 14.54 -28.53
C ASN B 300 7.81 15.66 -28.41
N GLU B 301 7.38 16.88 -28.74
CA GLU B 301 8.06 18.10 -28.30
C GLU B 301 8.02 18.18 -26.78
N PHE B 302 6.84 17.92 -26.22
CA PHE B 302 6.69 17.92 -24.77
C PHE B 302 7.59 16.89 -24.11
N ARG B 303 7.75 15.74 -24.76
CA ARG B 303 8.49 14.65 -24.17
C ARG B 303 9.97 15.01 -24.00
N LEU B 304 10.55 15.62 -25.05
CA LEU B 304 11.93 16.04 -25.04
C LEU B 304 12.12 17.19 -24.05
N TYR B 305 11.15 18.09 -24.05
CA TYR B 305 11.13 19.22 -23.13
C TYR B 305 11.24 18.75 -21.68
N TYR B 306 10.35 17.86 -21.28
CA TYR B 306 10.33 17.36 -19.90
C TYR B 306 11.49 16.45 -19.55
N TYR B 307 12.03 15.76 -20.55
CA TYR B 307 13.26 14.97 -20.39
C TYR B 307 14.39 15.90 -19.93
N ASN B 308 14.50 17.04 -20.60
CA ASN B 308 15.47 18.04 -20.22
C ASN B 308 15.21 18.71 -18.86
N LYS B 309 13.95 18.96 -18.54
CA LYS B 309 13.61 19.49 -17.20
C LYS B 309 14.03 18.55 -16.07
N PHE B 310 13.86 17.24 -16.28
CA PHE B 310 14.27 16.25 -15.30
C PHE B 310 15.81 16.25 -15.19
N LYS B 311 16.50 16.46 -16.31
CA LYS B 311 17.95 16.61 -16.28
C LYS B 311 18.37 17.88 -15.51
N ASP B 312 17.56 18.94 -15.58
CA ASP B 312 17.82 20.13 -14.79
C ASP B 312 17.69 19.86 -13.28
N ILE B 313 16.72 19.04 -12.90
CA ILE B 313 16.54 18.61 -11.51
C ILE B 313 17.71 17.73 -11.03
N ALA B 314 18.16 16.81 -11.87
CA ALA B 314 19.30 15.95 -11.50
C ALA B 314 20.53 16.83 -11.24
N SER B 315 20.75 17.78 -12.16
CA SER B 315 21.78 18.81 -12.02
C SER B 315 21.66 19.67 -10.72
N THR B 316 20.46 20.15 -10.42
CA THR B 316 20.18 20.92 -9.19
C THR B 316 20.48 20.13 -7.93
N LEU B 317 20.12 18.85 -7.95
CA LEU B 317 20.41 17.95 -6.85
C LEU B 317 21.93 17.77 -6.67
N ASN B 318 22.64 17.59 -7.78
CA ASN B 318 24.11 17.44 -7.75
C ASN B 318 24.81 18.70 -7.25
N LYS B 319 24.28 19.88 -7.61
CA LYS B 319 24.84 21.14 -7.12
C LYS B 319 24.53 21.39 -5.63
N ALA B 320 23.51 20.73 -5.09
CA ALA B 320 23.09 20.96 -3.70
C ALA B 320 24.21 20.63 -2.70
N LYS B 321 24.62 21.61 -1.90
CA LYS B 321 25.59 21.37 -0.81
C LYS B 321 24.98 21.46 0.59
N SER B 322 23.85 22.16 0.72
CA SER B 322 23.18 22.39 2.01
C SER B 322 21.68 22.32 1.86
N ILE B 323 21.00 22.28 3.00
CA ILE B 323 19.55 22.13 3.01
C ILE B 323 18.98 22.99 4.15
N VAL B 324 17.82 23.58 3.88
CA VAL B 324 17.19 24.59 4.74
C VAL B 324 16.00 24.01 5.48
N GLY B 325 15.89 24.38 6.74
CA GLY B 325 14.93 23.79 7.67
C GLY B 325 15.69 23.68 8.97
N THR B 327 15.83 19.75 9.26
CA THR B 327 15.19 18.49 9.60
C THR B 327 16.10 17.28 9.24
N ALA B 328 15.94 16.75 8.02
CA ALA B 328 16.68 15.57 7.54
C ALA B 328 17.99 16.01 6.91
N SER B 329 18.83 15.04 6.55
CA SER B 329 20.09 15.37 5.89
C SER B 329 19.83 15.86 4.45
N LEU B 330 20.79 16.57 3.90
CA LEU B 330 20.78 16.86 2.48
C LEU B 330 20.68 15.54 1.70
N GLN B 331 21.55 14.59 2.04
CA GLN B 331 21.65 13.32 1.30
C GLN B 331 20.31 12.57 1.29
N TYR B 332 19.58 12.60 2.40
CA TYR B 332 18.26 11.97 2.48
C TYR B 332 17.19 12.61 1.56
N MET B 333 17.16 13.94 1.47
CA MET B 333 16.18 14.57 0.59
C MET B 333 16.55 14.30 -0.87
N LYS B 334 17.84 14.36 -1.16
CA LYS B 334 18.34 13.97 -2.47
C LYS B 334 17.88 12.55 -2.85
N ASN B 335 17.88 11.63 -1.90
CA ASN B 335 17.30 10.30 -2.15
C ASN B 335 15.82 10.29 -2.45
N VAL B 336 15.04 11.10 -1.73
CA VAL B 336 13.60 11.20 -1.97
C VAL B 336 13.32 11.46 -3.46
N PHE B 337 14.10 12.36 -4.04
CA PHE B 337 13.89 12.81 -5.42
C PHE B 337 14.56 11.92 -6.44
N LYS B 338 15.64 11.29 -6.04
CA LYS B 338 16.20 10.18 -6.81
C LYS B 338 15.12 9.13 -7.02
N GLU B 339 14.39 8.84 -5.95
CA GLU B 339 13.33 7.88 -5.98
C GLU B 339 12.18 8.34 -6.84
N LYS B 340 11.76 9.59 -6.62
CA LYS B 340 10.62 10.12 -7.36
C LYS B 340 10.87 10.06 -8.86
N TYR B 341 12.00 10.58 -9.28
CA TYR B 341 12.28 10.77 -10.71
C TYR B 341 13.05 9.62 -11.32
N LEU B 342 13.30 8.56 -10.54
CA LEU B 342 13.99 7.35 -11.01
C LEU B 342 15.35 7.68 -11.54
N LEU B 343 16.08 8.49 -10.79
CA LEU B 343 17.38 8.92 -11.22
C LEU B 343 18.43 7.81 -10.99
N SER B 344 19.46 7.78 -11.83
CA SER B 344 20.59 6.88 -11.67
C SER B 344 21.62 7.60 -10.84
N GLU B 345 22.33 6.85 -10.00
CA GLU B 345 23.36 7.41 -9.13
C GLU B 345 24.64 6.64 -9.41
N ASP B 346 25.71 7.34 -9.70
CA ASP B 346 26.98 6.67 -10.00
C ASP B 346 27.78 6.40 -8.72
N THR B 347 28.94 5.77 -8.88
CA THR B 347 29.75 5.34 -7.73
C THR B 347 30.19 6.53 -6.88
N SER B 348 30.38 7.66 -7.53
CA SER B 348 30.65 8.93 -6.86
C SER B 348 29.45 9.47 -6.06
N GLY B 349 28.24 9.21 -6.53
CA GLY B 349 27.04 9.76 -5.93
C GLY B 349 26.41 10.84 -6.78
N LYS B 350 26.92 11.02 -8.00
CA LYS B 350 26.32 11.91 -9.00
C LYS B 350 25.00 11.34 -9.54
N PHE B 351 23.95 12.16 -9.59
CA PHE B 351 22.67 11.76 -10.16
C PHE B 351 22.57 12.08 -11.67
N SER B 352 21.78 11.28 -12.38
CA SER B 352 21.61 11.43 -13.82
C SER B 352 20.26 10.86 -14.22
N VAL B 353 19.67 11.38 -15.29
CA VAL B 353 18.42 10.84 -15.81
C VAL B 353 18.76 9.70 -16.77
N ASP B 354 18.13 8.56 -16.56
CA ASP B 354 18.23 7.44 -17.49
C ASP B 354 17.16 7.58 -18.57
N LYS B 355 17.59 7.65 -19.83
CA LYS B 355 16.67 7.61 -20.98
C LYS B 355 15.52 6.63 -20.88
N LEU B 356 15.87 5.38 -20.57
CA LEU B 356 14.89 4.29 -20.51
C LEU B 356 13.93 4.47 -19.34
N LYS B 357 14.47 4.79 -18.17
CA LYS B 357 13.68 5.04 -16.96
C LYS B 357 12.77 6.27 -17.16
N PHE B 358 13.26 7.33 -17.81
CA PHE B 358 12.39 8.46 -18.16
C PHE B 358 11.27 8.01 -19.10
N ASP B 359 11.65 7.34 -20.19
CA ASP B 359 10.67 6.87 -21.17
C ASP B 359 9.56 6.09 -20.46
N LYS B 360 9.96 5.29 -19.48
CA LYS B 360 9.02 4.49 -18.65
C LYS B 360 8.09 5.33 -17.79
N LEU B 361 8.65 6.21 -16.97
CA LEU B 361 7.85 7.05 -16.10
C LEU B 361 6.96 7.96 -16.96
N TYR B 362 7.52 8.52 -18.04
CA TYR B 362 6.76 9.47 -18.81
C TYR B 362 5.55 8.81 -19.50
N LYS B 363 5.76 7.66 -20.15
CA LYS B 363 4.67 6.89 -20.78
C LYS B 363 3.61 6.44 -19.74
N MET B 364 4.06 5.91 -18.61
CA MET B 364 3.13 5.54 -17.54
C MET B 364 2.18 6.67 -17.25
N LEU B 365 2.75 7.84 -16.99
CA LEU B 365 1.97 8.98 -16.57
C LEU B 365 1.06 9.53 -17.64
N THR B 366 1.49 9.46 -18.88
CA THR B 366 0.79 10.23 -19.93
C THR B 366 -0.05 9.31 -20.81
N GLU B 367 0.37 8.06 -21.01
CA GLU B 367 -0.28 7.16 -21.95
C GLU B 367 -1.01 5.99 -21.32
N ILE B 368 -0.49 5.51 -20.20
CA ILE B 368 -1.00 4.32 -19.55
C ILE B 368 -2.11 4.71 -18.59
N TYR B 369 -1.86 5.72 -17.76
CA TYR B 369 -2.87 6.26 -16.89
C TYR B 369 -3.76 7.18 -17.69
N THR B 370 -4.87 6.63 -18.18
CA THR B 370 -5.92 7.41 -18.80
C THR B 370 -7.28 6.95 -18.33
N GLU B 371 -8.25 7.85 -18.43
CA GLU B 371 -9.64 7.51 -18.13
C GLU B 371 -10.10 6.28 -18.91
N ASP B 372 -9.82 6.24 -20.22
CA ASP B 372 -10.25 5.10 -21.02
C ASP B 372 -9.73 3.77 -20.48
N ASN B 373 -8.50 3.77 -19.97
CA ASN B 373 -7.87 2.55 -19.52
C ASN B 373 -8.45 2.14 -18.17
N PHE B 374 -8.79 3.10 -17.32
CA PHE B 374 -9.51 2.76 -16.10
C PHE B 374 -10.84 2.09 -16.38
N VAL B 375 -11.56 2.57 -17.41
CA VAL B 375 -12.85 2.01 -17.74
C VAL B 375 -12.66 0.53 -18.05
N LYS B 376 -11.58 0.22 -18.76
CA LYS B 376 -11.25 -1.16 -19.13
C LYS B 376 -11.04 -2.03 -17.90
N PHE B 377 -10.30 -1.50 -16.93
CA PHE B 377 -10.03 -2.22 -15.70
C PHE B 377 -11.23 -2.41 -14.80
N PHE B 378 -12.03 -1.36 -14.63
CA PHE B 378 -13.27 -1.42 -13.86
C PHE B 378 -14.34 -2.25 -14.57
N LYS B 379 -14.24 -2.39 -15.88
CA LYS B 379 -15.27 -3.07 -16.67
C LYS B 379 -16.64 -2.42 -16.49
N VAL B 380 -16.67 -1.09 -16.56
CA VAL B 380 -17.89 -0.33 -16.53
C VAL B 380 -18.09 0.26 -17.89
N LEU B 381 -19.27 0.87 -18.11
CA LEU B 381 -19.54 1.62 -19.33
C LEU B 381 -19.20 3.09 -19.11
N ASN B 382 -18.74 3.76 -20.15
CA ASN B 382 -18.33 5.16 -20.11
C ASN B 382 -18.54 5.74 -21.48
N ARG B 383 -18.60 7.07 -21.59
CA ARG B 383 -18.65 7.70 -22.91
C ARG B 383 -17.36 7.46 -23.66
N LYS B 384 -17.42 7.53 -24.99
CA LYS B 384 -16.28 7.16 -25.82
C LYS B 384 -15.34 8.32 -26.13
N THR B 385 -15.85 9.54 -26.02
CA THR B 385 -15.07 10.74 -26.27
C THR B 385 -15.35 11.75 -25.17
N TYR B 386 -14.35 12.57 -24.86
CA TYR B 386 -14.44 13.45 -23.72
C TYR B 386 -15.71 14.31 -23.73
N LEU B 387 -16.10 14.81 -24.88
CA LEU B 387 -17.20 15.77 -24.96
C LEU B 387 -18.59 15.18 -25.08
N ASN B 388 -18.68 13.86 -25.29
CA ASN B 388 -19.99 13.25 -25.50
C ASN B 388 -20.69 12.85 -24.18
N PHE B 389 -20.89 13.82 -23.28
CA PHE B 389 -21.84 13.70 -22.14
C PHE B 389 -23.07 14.37 -22.74
N ASP B 390 -24.30 13.98 -22.44
CA ASP B 390 -25.34 14.65 -21.59
C ASP B 390 -25.21 15.44 -20.28
N LYS B 391 -26.27 16.18 -19.97
CA LYS B 391 -26.40 17.63 -19.94
C LYS B 391 -27.42 17.40 -18.82
N ALA B 392 -27.05 16.45 -17.97
CA ALA B 392 -27.94 15.75 -17.06
C ALA B 392 -27.09 15.49 -15.86
N VAL B 393 -27.60 15.82 -14.71
CA VAL B 393 -26.88 15.64 -13.47
C VAL B 393 -27.77 14.82 -12.58
N PHE B 394 -27.15 13.93 -11.80
CA PHE B 394 -27.87 13.10 -10.87
C PHE B 394 -27.25 13.16 -9.46
N LYS B 395 -28.14 13.08 -8.48
CA LYS B 395 -27.79 12.78 -7.11
C LYS B 395 -27.73 11.28 -6.95
N ILE B 396 -26.65 10.85 -6.34
CA ILE B 396 -26.41 9.43 -6.07
C ILE B 396 -26.03 9.27 -4.60
N ASN B 397 -26.04 8.03 -4.10
CA ASN B 397 -25.47 7.72 -2.81
C ASN B 397 -24.73 6.39 -2.86
N ILE B 398 -23.42 6.50 -2.91
CA ILE B 398 -22.55 5.39 -3.18
C ILE B 398 -22.17 4.63 -1.92
N VAL B 399 -22.45 5.23 -0.78
CA VAL B 399 -21.93 4.68 0.48
C VAL B 399 -22.59 3.35 0.85
N PRO B 400 -23.94 3.25 0.79
CA PRO B 400 -24.52 1.93 1.04
C PRO B 400 -24.10 0.82 0.07
N LYS B 401 -23.69 -0.30 0.64
CA LYS B 401 -23.23 -1.45 -0.15
C LYS B 401 -24.34 -2.04 -1.06
N VAL B 402 -25.60 -1.84 -0.71
CA VAL B 402 -26.73 -2.27 -1.56
C VAL B 402 -26.86 -1.40 -2.81
N ASN B 403 -26.20 -0.23 -2.81
CA ASN B 403 -26.25 0.69 -3.93
C ASN B 403 -25.01 0.60 -4.81
N TYR B 404 -23.84 0.42 -4.20
CA TYR B 404 -22.57 0.53 -4.93
C TYR B 404 -21.52 -0.24 -4.16
N THR B 405 -20.66 -0.96 -4.85
CA THR B 405 -19.62 -1.71 -4.16
C THR B 405 -18.24 -1.40 -4.73
N ILE B 406 -17.21 -1.71 -3.93
CA ILE B 406 -15.84 -1.43 -4.30
C ILE B 406 -15.54 -2.22 -5.56
N TYR B 407 -16.01 -3.45 -5.65
CA TYR B 407 -15.66 -4.33 -6.74
C TYR B 407 -16.48 -4.18 -8.02
N ASP B 408 -17.75 -3.83 -7.89
CA ASP B 408 -18.65 -3.81 -9.06
C ASP B 408 -19.26 -2.47 -9.37
N GLY B 409 -18.99 -1.46 -8.54
CA GLY B 409 -19.62 -0.18 -8.69
C GLY B 409 -21.11 -0.31 -8.52
N PHE B 410 -21.88 0.25 -9.45
CA PHE B 410 -23.30 0.10 -9.47
C PHE B 410 -23.79 -1.28 -9.99
N ASN B 411 -22.94 -1.97 -10.71
CA ASN B 411 -23.31 -3.17 -11.48
C ASN B 411 -23.18 -4.42 -10.66
N LEU B 412 -23.99 -4.47 -9.60
CA LEU B 412 -23.76 -5.42 -8.51
C LEU B 412 -23.86 -6.86 -8.96
N ARG B 413 -22.86 -7.67 -8.66
CA ARG B 413 -22.86 -9.07 -9.07
C ARG B 413 -24.02 -9.83 -8.47
N ASN B 414 -24.50 -10.84 -9.19
CA ASN B 414 -25.61 -11.67 -8.72
C ASN B 414 -26.85 -10.86 -8.32
N THR B 415 -27.08 -9.79 -9.08
CA THR B 415 -28.38 -9.09 -9.09
C THR B 415 -28.69 -8.87 -10.57
N ASN B 416 -29.90 -8.44 -10.84
CA ASN B 416 -30.32 -8.06 -12.19
C ASN B 416 -29.58 -6.82 -12.73
N LEU B 417 -28.80 -6.16 -11.86
CA LEU B 417 -27.95 -5.04 -12.25
C LEU B 417 -26.58 -5.45 -12.76
N ALA B 418 -26.32 -6.76 -12.72
CA ALA B 418 -25.01 -7.26 -13.08
C ALA B 418 -24.76 -7.25 -14.57
N ALA B 419 -25.82 -7.45 -15.37
CA ALA B 419 -25.68 -7.60 -16.79
C ALA B 419 -26.02 -6.29 -17.51
N ASN B 420 -25.41 -6.12 -18.69
CA ASN B 420 -25.72 -5.04 -19.63
C ASN B 420 -25.55 -3.64 -19.03
N PHE B 421 -24.69 -3.56 -18.03
CA PHE B 421 -24.40 -2.32 -17.30
C PHE B 421 -25.67 -1.69 -16.77
N ASN B 422 -26.60 -2.56 -16.38
CA ASN B 422 -27.91 -2.13 -15.88
C ASN B 422 -27.81 -1.25 -14.66
N GLY B 423 -26.79 -1.47 -13.83
CA GLY B 423 -26.58 -0.66 -12.63
C GLY B 423 -26.35 0.80 -12.96
N GLN B 424 -25.67 1.05 -14.09
CA GLN B 424 -25.44 2.38 -14.64
C GLN B 424 -26.57 2.95 -15.51
N ASN B 425 -27.54 2.15 -15.89
CA ASN B 425 -28.65 2.60 -16.72
C ASN B 425 -29.55 3.43 -15.82
N THR B 426 -29.70 4.71 -16.15
CA THR B 426 -30.43 5.62 -15.30
C THR B 426 -31.94 5.43 -15.36
N GLU B 427 -32.46 4.77 -16.40
CA GLU B 427 -33.87 4.39 -16.41
C GLU B 427 -34.06 3.10 -15.59
N ILE B 428 -33.25 2.08 -15.91
CA ILE B 428 -33.39 0.76 -15.30
C ILE B 428 -33.06 0.80 -13.80
N ASN B 429 -31.97 1.47 -13.42
CA ASN B 429 -31.58 1.68 -12.02
C ASN B 429 -31.98 3.07 -11.48
N ASN B 430 -33.19 3.53 -11.78
CA ASN B 430 -33.62 4.89 -11.42
C ASN B 430 -33.62 5.16 -9.91
N MET B 431 -33.74 4.12 -9.09
CA MET B 431 -33.70 4.28 -7.65
C MET B 431 -32.34 4.80 -7.17
N ASN B 432 -31.30 4.58 -7.97
CA ASN B 432 -29.98 5.07 -7.60
C ASN B 432 -29.57 6.41 -8.23
N PHE B 433 -30.39 6.93 -9.14
CA PHE B 433 -30.14 8.18 -9.85
C PHE B 433 -31.35 9.15 -9.84
N THR B 434 -31.21 10.19 -9.04
CA THR B 434 -32.24 11.22 -8.96
C THR B 434 -31.88 12.36 -9.90
N LYS B 435 -32.65 12.52 -10.97
CA LYS B 435 -32.35 13.53 -11.94
C LYS B 435 -32.60 14.92 -11.37
N LEU B 436 -31.61 15.79 -11.52
CA LEU B 436 -31.69 17.16 -11.01
C LEU B 436 -31.93 18.14 -12.15
ZN ZN C . 5.96 -22.75 9.88
O12 GB4 D . 7.87 -24.09 9.14
C11 GB4 D . 8.93 -23.54 9.35
N13 GB4 D . 8.96 -22.37 9.99
O14 GB4 D . 7.76 -21.74 10.34
C10 GB4 D . 10.18 -24.13 8.79
C9 GB4 D . 10.09 -25.17 7.93
C1 GB4 D . 11.27 -25.79 7.25
C6 GB4 D . 11.05 -26.76 6.27
CL8 GB4 D . 9.41 -27.29 5.84
C5 GB4 D . 12.05 -27.38 5.57
C2 GB4 D . 12.60 -25.44 7.50
C3 GB4 D . 13.64 -26.05 6.79
C4 GB4 D . 13.36 -27.03 5.84
CL7 GB4 D . 14.64 -27.83 4.92
ZN ZN E . -9.93 16.67 -16.81
O12 GB4 F . -12.52 17.26 -17.20
C11 GB4 F . -12.92 17.81 -16.18
N13 GB4 F . -12.05 18.08 -15.21
O14 GB4 F . -10.73 17.58 -15.27
C10 GB4 F . -14.37 18.02 -15.97
C9 GB4 F . -15.22 17.47 -16.87
C1 GB4 F . -16.71 17.50 -16.78
C6 GB4 F . -17.43 16.74 -17.69
CL8 GB4 F . -16.64 15.82 -19.00
C5 GB4 F . -18.81 16.68 -17.67
C2 GB4 F . -17.41 18.18 -15.78
C3 GB4 F . -18.81 18.11 -15.75
C4 GB4 F . -19.49 17.36 -16.70
CL7 GB4 F . -21.28 17.23 -16.71
#